data_1D23
# 
_entry.id   1D23 
# 
_audit_conform.dict_name       mmcif_pdbx.dic 
_audit_conform.dict_version    5.385 
_audit_conform.dict_location   http://mmcif.pdb.org/dictionaries/ascii/mmcif_pdbx.dic 
# 
loop_
_database_2.database_id 
_database_2.database_code 
_database_2.pdbx_database_accession 
_database_2.pdbx_DOI 
PDB   1D23         pdb_00001d23 10.2210/pdb1d23/pdb 
RCSB  BDJ025       ?            ?                   
WWPDB D_1000172628 ?            ?                   
# 
loop_
_pdbx_audit_revision_history.ordinal 
_pdbx_audit_revision_history.data_content_type 
_pdbx_audit_revision_history.major_revision 
_pdbx_audit_revision_history.minor_revision 
_pdbx_audit_revision_history.revision_date 
1 'Structure model' 1 0 1991-10-15 
2 'Structure model' 1 1 2008-05-22 
3 'Structure model' 1 2 2011-07-13 
4 'Structure model' 1 3 2024-02-07 
# 
_pdbx_audit_revision_details.ordinal             1 
_pdbx_audit_revision_details.revision_ordinal    1 
_pdbx_audit_revision_details.data_content_type   'Structure model' 
_pdbx_audit_revision_details.provider            repository 
_pdbx_audit_revision_details.type                'Initial release' 
_pdbx_audit_revision_details.description         ? 
_pdbx_audit_revision_details.details             ? 
# 
loop_
_pdbx_audit_revision_group.ordinal 
_pdbx_audit_revision_group.revision_ordinal 
_pdbx_audit_revision_group.data_content_type 
_pdbx_audit_revision_group.group 
1 2 'Structure model' 'Version format compliance' 
2 3 'Structure model' 'Version format compliance' 
3 4 'Structure model' 'Data collection'           
4 4 'Structure model' 'Database references'       
5 4 'Structure model' 'Derived calculations'      
# 
loop_
_pdbx_audit_revision_category.ordinal 
_pdbx_audit_revision_category.revision_ordinal 
_pdbx_audit_revision_category.data_content_type 
_pdbx_audit_revision_category.category 
1 4 'Structure model' chem_comp_atom         
2 4 'Structure model' chem_comp_bond         
3 4 'Structure model' database_2             
4 4 'Structure model' pdbx_struct_conn_angle 
5 4 'Structure model' struct_conn            
6 4 'Structure model' struct_site            
# 
loop_
_pdbx_audit_revision_item.ordinal 
_pdbx_audit_revision_item.revision_ordinal 
_pdbx_audit_revision_item.data_content_type 
_pdbx_audit_revision_item.item 
1  4 'Structure model' '_database_2.pdbx_DOI'                        
2  4 'Structure model' '_database_2.pdbx_database_accession'         
3  4 'Structure model' '_pdbx_struct_conn_angle.ptnr1_auth_asym_id'  
4  4 'Structure model' '_pdbx_struct_conn_angle.ptnr1_auth_seq_id'   
5  4 'Structure model' '_pdbx_struct_conn_angle.ptnr1_label_asym_id' 
6  4 'Structure model' '_pdbx_struct_conn_angle.ptnr2_auth_asym_id'  
7  4 'Structure model' '_pdbx_struct_conn_angle.ptnr2_auth_seq_id'   
8  4 'Structure model' '_pdbx_struct_conn_angle.ptnr2_label_asym_id' 
9  4 'Structure model' '_pdbx_struct_conn_angle.ptnr3_auth_asym_id'  
10 4 'Structure model' '_pdbx_struct_conn_angle.ptnr3_auth_seq_id'   
11 4 'Structure model' '_pdbx_struct_conn_angle.ptnr3_label_asym_id' 
12 4 'Structure model' '_pdbx_struct_conn_angle.value'               
13 4 'Structure model' '_struct_conn.pdbx_dist_value'                
14 4 'Structure model' '_struct_conn.ptnr1_auth_asym_id'             
15 4 'Structure model' '_struct_conn.ptnr1_auth_comp_id'             
16 4 'Structure model' '_struct_conn.ptnr1_auth_seq_id'              
17 4 'Structure model' '_struct_conn.ptnr1_label_asym_id'            
18 4 'Structure model' '_struct_conn.ptnr1_label_atom_id'            
19 4 'Structure model' '_struct_conn.ptnr1_label_comp_id'            
20 4 'Structure model' '_struct_conn.ptnr2_auth_asym_id'             
21 4 'Structure model' '_struct_conn.ptnr2_auth_comp_id'             
22 4 'Structure model' '_struct_conn.ptnr2_auth_seq_id'              
23 4 'Structure model' '_struct_conn.ptnr2_label_asym_id'            
24 4 'Structure model' '_struct_conn.ptnr2_label_atom_id'            
25 4 'Structure model' '_struct_conn.ptnr2_label_comp_id'            
26 4 'Structure model' '_struct_site.pdbx_auth_asym_id'              
27 4 'Structure model' '_struct_site.pdbx_auth_comp_id'              
28 4 'Structure model' '_struct_site.pdbx_auth_seq_id'               
# 
_pdbx_database_status.status_code                     REL 
_pdbx_database_status.entry_id                        1D23 
_pdbx_database_status.recvd_initial_deposition_date   1991-05-29 
_pdbx_database_status.deposit_site                    BNL 
_pdbx_database_status.process_site                    BNL 
_pdbx_database_status.status_code_sf                  REL 
_pdbx_database_status.status_code_mr                  ? 
_pdbx_database_status.SG_entry                        ? 
_pdbx_database_status.pdb_format_compatible           Y 
_pdbx_database_status.status_code_cs                  ? 
_pdbx_database_status.status_code_nmr_data            ? 
_pdbx_database_status.methods_development_category    ? 
# 
loop_
_audit_author.name 
_audit_author.pdbx_ordinal 
'Grzeskowiak, K.' 1 
'Yanagi, K.'      2 
'Prive, G.G.'     3 
'Dickerson, R.E.' 4 
# 
_citation.id                        primary 
_citation.title                     
'The structure of B-helical C-G-A-T-C-G-A-T-C-G and comparison with C-C-A-A-C-G-T-T-G-G. The effect of base pair reversals.' 
_citation.journal_abbrev            J.Biol.Chem. 
_citation.journal_volume            266 
_citation.page_first                8861 
_citation.page_last                 8883 
_citation.year                      1991 
_citation.journal_id_ASTM           JBCHA3 
_citation.country                   US 
_citation.journal_id_ISSN           0021-9258 
_citation.journal_id_CSD            0071 
_citation.book_publisher            ? 
_citation.pdbx_database_id_PubMed   2026600 
_citation.pdbx_database_id_DOI      ? 
# 
loop_
_citation_author.citation_id 
_citation_author.name 
_citation_author.ordinal 
_citation_author.identifier_ORCID 
primary 'Grzeskowiak, K.' 1 ? 
primary 'Yanagi, K.'      2 ? 
primary 'Prive, G.G.'     3 ? 
primary 'Dickerson, R.E.' 4 ? 
# 
loop_
_entity.id 
_entity.type 
_entity.src_method 
_entity.pdbx_description 
_entity.formula_weight 
_entity.pdbx_number_of_molecules 
_entity.pdbx_ec 
_entity.pdbx_mutation 
_entity.pdbx_fragment 
_entity.details 
1 polymer     syn 
;DNA (5'-D(*CP*GP*AP*TP*CP*GP*AP*TP*CP*G)-3')
;
3045.004 2   ? ? ? ? 
2 non-polymer syn 'MAGNESIUM ION'                                24.305   2   ? ? ? ? 
3 water       nat water                                          18.015   154 ? ? ? ? 
# 
_entity_poly.entity_id                      1 
_entity_poly.type                           polydeoxyribonucleotide 
_entity_poly.nstd_linkage                   no 
_entity_poly.nstd_monomer                   no 
_entity_poly.pdbx_seq_one_letter_code       '(DC)(DG)(DA)(DT)(DC)(DG)(DA)(DT)(DC)(DG)' 
_entity_poly.pdbx_seq_one_letter_code_can   CGATCGATCG 
_entity_poly.pdbx_strand_id                 A,B 
_entity_poly.pdbx_target_identifier         ? 
# 
loop_
_pdbx_entity_nonpoly.entity_id 
_pdbx_entity_nonpoly.name 
_pdbx_entity_nonpoly.comp_id 
2 'MAGNESIUM ION' MG  
3 water           HOH 
# 
loop_
_entity_poly_seq.entity_id 
_entity_poly_seq.num 
_entity_poly_seq.mon_id 
_entity_poly_seq.hetero 
1 1  DC n 
1 2  DG n 
1 3  DA n 
1 4  DT n 
1 5  DC n 
1 6  DG n 
1 7  DA n 
1 8  DT n 
1 9  DC n 
1 10 DG n 
# 
loop_
_chem_comp.id 
_chem_comp.type 
_chem_comp.mon_nstd_flag 
_chem_comp.name 
_chem_comp.pdbx_synonyms 
_chem_comp.formula 
_chem_comp.formula_weight 
DA  'DNA linking' y "2'-DEOXYADENOSINE-5'-MONOPHOSPHATE" ? 'C10 H14 N5 O6 P' 331.222 
DC  'DNA linking' y "2'-DEOXYCYTIDINE-5'-MONOPHOSPHATE"  ? 'C9 H14 N3 O7 P'  307.197 
DG  'DNA linking' y "2'-DEOXYGUANOSINE-5'-MONOPHOSPHATE" ? 'C10 H14 N5 O7 P' 347.221 
DT  'DNA linking' y "THYMIDINE-5'-MONOPHOSPHATE"         ? 'C10 H15 N2 O8 P' 322.208 
HOH non-polymer   . WATER                                ? 'H2 O'            18.015  
MG  non-polymer   . 'MAGNESIUM ION'                      ? 'Mg 2'            24.305  
# 
loop_
_pdbx_poly_seq_scheme.asym_id 
_pdbx_poly_seq_scheme.entity_id 
_pdbx_poly_seq_scheme.seq_id 
_pdbx_poly_seq_scheme.mon_id 
_pdbx_poly_seq_scheme.ndb_seq_num 
_pdbx_poly_seq_scheme.pdb_seq_num 
_pdbx_poly_seq_scheme.auth_seq_num 
_pdbx_poly_seq_scheme.pdb_mon_id 
_pdbx_poly_seq_scheme.auth_mon_id 
_pdbx_poly_seq_scheme.pdb_strand_id 
_pdbx_poly_seq_scheme.pdb_ins_code 
_pdbx_poly_seq_scheme.hetero 
A 1 1  DC 1  1  1  DC C A . n 
A 1 2  DG 2  2  2  DG G A . n 
A 1 3  DA 3  3  3  DA A A . n 
A 1 4  DT 4  4  4  DT T A . n 
A 1 5  DC 5  5  5  DC C A . n 
A 1 6  DG 6  6  6  DG G A . n 
A 1 7  DA 7  7  7  DA A A . n 
A 1 8  DT 8  8  8  DT T A . n 
A 1 9  DC 9  9  9  DC C A . n 
A 1 10 DG 10 10 10 DG G A . n 
B 1 1  DC 1  11 11 DC C B . n 
B 1 2  DG 2  12 12 DG G B . n 
B 1 3  DA 3  13 13 DA A B . n 
B 1 4  DT 4  14 14 DT T B . n 
B 1 5  DC 5  15 15 DC C B . n 
B 1 6  DG 6  16 16 DG G B . n 
B 1 7  DA 7  17 17 DA A B . n 
B 1 8  DT 8  18 18 DT T B . n 
B 1 9  DC 9  19 19 DC C B . n 
B 1 10 DG 10 20 20 DG G B . n 
# 
loop_
_pdbx_nonpoly_scheme.asym_id 
_pdbx_nonpoly_scheme.entity_id 
_pdbx_nonpoly_scheme.mon_id 
_pdbx_nonpoly_scheme.ndb_seq_num 
_pdbx_nonpoly_scheme.pdb_seq_num 
_pdbx_nonpoly_scheme.auth_seq_num 
_pdbx_nonpoly_scheme.pdb_mon_id 
_pdbx_nonpoly_scheme.auth_mon_id 
_pdbx_nonpoly_scheme.pdb_strand_id 
_pdbx_nonpoly_scheme.pdb_ins_code 
C 2 MG  1  22  22  MG  MO6 A . 
D 2 MG  1  21  21  MG  MO6 B . 
E 3 HOH 1  23  23  HOH HOH A . 
E 3 HOH 2  24  24  HOH HOH A . 
E 3 HOH 3  26  26  HOH HOH A . 
E 3 HOH 4  27  27  HOH HOH A . 
E 3 HOH 5  28  28  HOH HOH A . 
E 3 HOH 6  29  29  HOH HOH A . 
E 3 HOH 7  30  30  HOH HOH A . 
E 3 HOH 8  31  31  HOH HOH A . 
E 3 HOH 9  39  39  HOH HOH A . 
E 3 HOH 10 41  41  HOH HOH A . 
E 3 HOH 11 42  42  HOH HOH A . 
E 3 HOH 12 43  43  HOH HOH A . 
E 3 HOH 13 44  44  HOH HOH A . 
E 3 HOH 14 45  45  HOH HOH A . 
E 3 HOH 15 46  46  HOH HOH A . 
E 3 HOH 16 47  47  HOH HOH A . 
E 3 HOH 17 48  48  HOH HOH A . 
E 3 HOH 18 49  49  HOH HOH A . 
E 3 HOH 19 50  50  HOH HOH A . 
E 3 HOH 20 51  51  HOH HOH A . 
E 3 HOH 21 52  52  HOH HOH A . 
E 3 HOH 22 67  67  HOH HOH A . 
E 3 HOH 23 68  68  HOH HOH A . 
E 3 HOH 24 73  73  HOH HOH A . 
E 3 HOH 25 74  74  HOH HOH A . 
E 3 HOH 26 75  75  HOH HOH A . 
E 3 HOH 27 76  76  HOH HOH A . 
E 3 HOH 28 79  79  HOH HOH A . 
E 3 HOH 29 80  80  HOH HOH A . 
E 3 HOH 30 82  82  HOH HOH A . 
E 3 HOH 31 86  86  HOH HOH A . 
E 3 HOH 32 87  87  HOH HOH A . 
E 3 HOH 33 88  88  HOH HOH A . 
E 3 HOH 34 90  90  HOH HOH A . 
E 3 HOH 35 92  92  HOH HOH A . 
E 3 HOH 36 93  93  HOH HOH A . 
E 3 HOH 37 94  94  HOH HOH A . 
E 3 HOH 38 95  95  HOH HOH A . 
E 3 HOH 39 96  96  HOH HOH A . 
E 3 HOH 40 97  97  HOH HOH A . 
E 3 HOH 41 98  98  HOH HOH A . 
E 3 HOH 42 99  99  HOH HOH A . 
E 3 HOH 43 100 100 HOH HOH A . 
E 3 HOH 44 101 101 HOH HOH A . 
E 3 HOH 45 102 102 HOH HOH A . 
E 3 HOH 46 103 103 HOH HOH A . 
E 3 HOH 47 104 104 HOH HOH A . 
E 3 HOH 48 105 105 HOH HOH A . 
E 3 HOH 49 106 106 HOH HOH A . 
E 3 HOH 50 107 107 HOH HOH A . 
E 3 HOH 51 108 108 HOH HOH A . 
E 3 HOH 52 124 124 HOH HOH A . 
E 3 HOH 53 125 125 HOH HOH A . 
E 3 HOH 54 127 127 HOH HOH A . 
E 3 HOH 55 128 128 HOH HOH A . 
E 3 HOH 56 129 129 HOH HOH A . 
E 3 HOH 57 134 134 HOH HOH A . 
E 3 HOH 58 136 136 HOH HOH A . 
E 3 HOH 59 137 137 HOH HOH A . 
E 3 HOH 60 139 139 HOH HOH A . 
E 3 HOH 61 144 144 HOH HOH A . 
E 3 HOH 62 146 146 HOH HOH A . 
E 3 HOH 63 147 147 HOH HOH A . 
E 3 HOH 64 148 148 HOH HOH A . 
E 3 HOH 65 149 149 HOH HOH A . 
E 3 HOH 66 150 150 HOH HOH A . 
E 3 HOH 67 152 152 HOH HOH A . 
E 3 HOH 68 154 154 HOH HOH A . 
E 3 HOH 69 156 156 HOH HOH A . 
E 3 HOH 70 157 157 HOH HOH A . 
E 3 HOH 71 158 158 HOH HOH A . 
E 3 HOH 72 159 159 HOH HOH A . 
E 3 HOH 73 162 162 HOH HOH A . 
E 3 HOH 74 163 163 HOH HOH A . 
E 3 HOH 75 164 164 HOH HOH A . 
E 3 HOH 76 166 21  HOH MO6 A . 
E 3 HOH 77 167 21  HOH MO6 A . 
E 3 HOH 78 169 21  HOH MO6 A . 
E 3 HOH 79 170 21  HOH MO6 A . 
E 3 HOH 80 171 22  HOH MO6 A . 
E 3 HOH 81 174 22  HOH MO6 A . 
E 3 HOH 82 175 22  HOH MO6 A . 
E 3 HOH 83 176 22  HOH MO6 A . 
F 3 HOH 1  25  25  HOH HOH B . 
F 3 HOH 2  32  32  HOH HOH B . 
F 3 HOH 3  33  33  HOH HOH B . 
F 3 HOH 4  34  34  HOH HOH B . 
F 3 HOH 5  35  35  HOH HOH B . 
F 3 HOH 6  36  36  HOH HOH B . 
F 3 HOH 7  37  37  HOH HOH B . 
F 3 HOH 8  38  38  HOH HOH B . 
F 3 HOH 9  40  40  HOH HOH B . 
F 3 HOH 10 53  53  HOH HOH B . 
F 3 HOH 11 54  54  HOH HOH B . 
F 3 HOH 12 55  55  HOH HOH B . 
F 3 HOH 13 56  56  HOH HOH B . 
F 3 HOH 14 57  57  HOH HOH B . 
F 3 HOH 15 58  58  HOH HOH B . 
F 3 HOH 16 59  59  HOH HOH B . 
F 3 HOH 17 60  60  HOH HOH B . 
F 3 HOH 18 61  61  HOH HOH B . 
F 3 HOH 19 62  62  HOH HOH B . 
F 3 HOH 20 63  63  HOH HOH B . 
F 3 HOH 21 64  64  HOH HOH B . 
F 3 HOH 22 65  65  HOH HOH B . 
F 3 HOH 23 66  66  HOH HOH B . 
F 3 HOH 24 69  69  HOH HOH B . 
F 3 HOH 25 70  70  HOH HOH B . 
F 3 HOH 26 71  71  HOH HOH B . 
F 3 HOH 27 72  72  HOH HOH B . 
F 3 HOH 28 77  77  HOH HOH B . 
F 3 HOH 29 78  78  HOH HOH B . 
F 3 HOH 30 81  81  HOH HOH B . 
F 3 HOH 31 83  83  HOH HOH B . 
F 3 HOH 32 84  84  HOH HOH B . 
F 3 HOH 33 85  85  HOH HOH B . 
F 3 HOH 34 89  89  HOH HOH B . 
F 3 HOH 35 91  91  HOH HOH B . 
F 3 HOH 36 109 109 HOH HOH B . 
F 3 HOH 37 110 110 HOH HOH B . 
F 3 HOH 38 111 111 HOH HOH B . 
F 3 HOH 39 112 112 HOH HOH B . 
F 3 HOH 40 113 113 HOH HOH B . 
F 3 HOH 41 114 114 HOH HOH B . 
F 3 HOH 42 115 115 HOH HOH B . 
F 3 HOH 43 116 116 HOH HOH B . 
F 3 HOH 44 117 117 HOH HOH B . 
F 3 HOH 45 118 118 HOH HOH B . 
F 3 HOH 46 119 119 HOH HOH B . 
F 3 HOH 47 120 120 HOH HOH B . 
F 3 HOH 48 121 121 HOH HOH B . 
F 3 HOH 49 122 122 HOH HOH B . 
F 3 HOH 50 123 123 HOH HOH B . 
F 3 HOH 51 126 126 HOH HOH B . 
F 3 HOH 52 130 130 HOH HOH B . 
F 3 HOH 53 131 131 HOH HOH B . 
F 3 HOH 54 132 132 HOH HOH B . 
F 3 HOH 55 133 133 HOH HOH B . 
F 3 HOH 56 135 135 HOH HOH B . 
F 3 HOH 57 138 138 HOH HOH B . 
F 3 HOH 58 140 140 HOH HOH B . 
F 3 HOH 59 141 141 HOH HOH B . 
F 3 HOH 60 142 142 HOH HOH B . 
F 3 HOH 61 143 143 HOH HOH B . 
F 3 HOH 62 145 145 HOH HOH B . 
F 3 HOH 63 151 151 HOH HOH B . 
F 3 HOH 64 153 153 HOH HOH B . 
F 3 HOH 65 155 155 HOH HOH B . 
F 3 HOH 66 160 160 HOH HOH B . 
F 3 HOH 67 161 161 HOH HOH B . 
F 3 HOH 68 165 21  HOH MO6 B . 
F 3 HOH 69 168 21  HOH MO6 B . 
F 3 HOH 70 172 22  HOH MO6 B . 
F 3 HOH 71 173 22  HOH MO6 B . 
# 
_software.name             NUCLSQ 
_software.classification   refinement 
_software.version          . 
_software.citation_id      ? 
_software.pdbx_ordinal     1 
# 
_cell.entry_id           1D23 
_cell.length_a           38.930 
_cell.length_b           39.630 
_cell.length_c           33.300 
_cell.angle_alpha        90.00 
_cell.angle_beta         90.00 
_cell.angle_gamma        90.00 
_cell.Z_PDB              8 
_cell.pdbx_unique_axis   ? 
# 
_symmetry.entry_id                         1D23 
_symmetry.space_group_name_H-M             'P 21 21 21' 
_symmetry.pdbx_full_space_group_name_H-M   ? 
_symmetry.cell_setting                     ? 
_symmetry.Int_Tables_number                19 
# 
_exptl.entry_id          1D23 
_exptl.method            'X-RAY DIFFRACTION' 
_exptl.crystals_number   ? 
# 
_exptl_crystal.id                    1 
_exptl_crystal.density_meas          ? 
_exptl_crystal.density_Matthews      2.11 
_exptl_crystal.density_percent_sol   41.68 
_exptl_crystal.description           ? 
# 
_exptl_crystal_grow.crystal_id      1 
_exptl_crystal_grow.method          'VAPOR DIFFUSION, SITTING DROP' 
_exptl_crystal_grow.temp            277.00 
_exptl_crystal_grow.temp_details    ? 
_exptl_crystal_grow.pH              ? 
_exptl_crystal_grow.pdbx_details    'VAPOR DIFFUSION, SITTING DROP, temperature 277.00K' 
_exptl_crystal_grow.pdbx_pH_range   ? 
# 
loop_
_exptl_crystal_grow_comp.crystal_id 
_exptl_crystal_grow_comp.id 
_exptl_crystal_grow_comp.sol_id 
_exptl_crystal_grow_comp.name 
_exptl_crystal_grow_comp.volume 
_exptl_crystal_grow_comp.conc 
_exptl_crystal_grow_comp.details 
1 1 1 WATER ? ? ? 
1 2 1 MPD   ? ? ? 
1 3 1 MGCL2 ? ? ? 
1 4 2 WATER ? ? ? 
1 5 2 MPD   ? ? ? 
# 
_diffrn.id                     1 
_diffrn.ambient_temp           273.00 
_diffrn.ambient_temp_details   ? 
_diffrn.crystal_id             1 
# 
_diffrn_detector.diffrn_id              1 
_diffrn_detector.detector               DIFFRACTOMETER 
_diffrn_detector.type                   'RIGAKU AFC-5R' 
_diffrn_detector.pdbx_collection_date   ? 
_diffrn_detector.details                ? 
# 
_diffrn_radiation.diffrn_id                        1 
_diffrn_radiation.wavelength_id                    1 
_diffrn_radiation.pdbx_monochromatic_or_laue_m_l   ? 
_diffrn_radiation.monochromator                    ? 
_diffrn_radiation.pdbx_diffrn_protocol             ? 
_diffrn_radiation.pdbx_scattering_type             x-ray 
# 
_diffrn_radiation_wavelength.id           1 
_diffrn_radiation_wavelength.wavelength   . 
_diffrn_radiation_wavelength.wt           1.0 
# 
_diffrn_source.diffrn_id                   1 
_diffrn_source.source                      'ROTATING ANODE' 
_diffrn_source.type                        ? 
_diffrn_source.pdbx_synchrotron_site       ? 
_diffrn_source.pdbx_synchrotron_beamline   ? 
_diffrn_source.pdbx_wavelength             ? 
_diffrn_source.pdbx_wavelength_list        ? 
# 
_reflns.entry_id                     1D23 
_reflns.observed_criterion_sigma_I   2.000 
_reflns.observed_criterion_sigma_F   ? 
_reflns.d_resolution_low             8.000 
_reflns.d_resolution_high            1.500 
_reflns.number_obs                   5107 
_reflns.number_all                   6893 
_reflns.percent_possible_obs         ? 
_reflns.pdbx_Rmerge_I_obs            ? 
_reflns.pdbx_Rsym_value              ? 
_reflns.pdbx_netI_over_sigmaI        ? 
_reflns.B_iso_Wilson_estimate        ? 
_reflns.pdbx_redundancy              ? 
_reflns.pdbx_diffrn_id               1 
_reflns.pdbx_ordinal                 1 
# 
_refine.entry_id                                 1D23 
_refine.ls_number_reflns_obs                     5107 
_refine.ls_number_reflns_all                     ? 
_refine.pdbx_ls_sigma_I                          ? 
_refine.pdbx_ls_sigma_F                          2.000 
_refine.pdbx_data_cutoff_high_absF               ? 
_refine.pdbx_data_cutoff_low_absF                ? 
_refine.pdbx_data_cutoff_high_rms_absF           ? 
_refine.ls_d_res_low                             8.000 
_refine.ls_d_res_high                            1.500 
_refine.ls_percent_reflns_obs                    ? 
_refine.ls_R_factor_obs                          0.1610000 
_refine.ls_R_factor_all                          ? 
_refine.ls_R_factor_R_work                       ? 
_refine.ls_R_factor_R_free                       ? 
_refine.ls_R_factor_R_free_error                 ? 
_refine.ls_R_factor_R_free_error_details         ? 
_refine.ls_percent_reflns_R_free                 ? 
_refine.ls_number_reflns_R_free                  ? 
_refine.ls_number_parameters                     ? 
_refine.ls_number_restraints                     ? 
_refine.occupancy_min                            ? 
_refine.occupancy_max                            ? 
_refine.B_iso_mean                               ? 
_refine.aniso_B[1][1]                            ? 
_refine.aniso_B[2][2]                            ? 
_refine.aniso_B[3][3]                            ? 
_refine.aniso_B[1][2]                            ? 
_refine.aniso_B[1][3]                            ? 
_refine.aniso_B[2][3]                            ? 
_refine.solvent_model_details                    ? 
_refine.solvent_model_param_ksol                 ? 
_refine.solvent_model_param_bsol                 ? 
_refine.pdbx_ls_cross_valid_method               ? 
_refine.details                                  ? 
_refine.pdbx_starting_model                      ? 
_refine.pdbx_method_to_determine_struct          ? 
_refine.pdbx_isotropic_thermal_model             ? 
_refine.pdbx_stereochemistry_target_values       ? 
_refine.pdbx_stereochem_target_val_spec_case     ? 
_refine.pdbx_R_Free_selection_details            ? 
_refine.pdbx_overall_ESU_R                       ? 
_refine.pdbx_overall_ESU_R_Free                  ? 
_refine.overall_SU_ML                            ? 
_refine.overall_SU_B                             ? 
_refine.pdbx_refine_id                           'X-RAY DIFFRACTION' 
_refine.pdbx_diffrn_id                           1 
_refine.pdbx_TLS_residual_ADP_flag               ? 
_refine.correlation_coeff_Fo_to_Fc               ? 
_refine.correlation_coeff_Fo_to_Fc_free          ? 
_refine.pdbx_solvent_vdw_probe_radii             ? 
_refine.pdbx_solvent_ion_probe_radii             ? 
_refine.pdbx_solvent_shrinkage_radii             ? 
_refine.pdbx_overall_phase_error                 ? 
_refine.overall_SU_R_Cruickshank_DPI             ? 
_refine.pdbx_overall_SU_R_free_Cruickshank_DPI   ? 
_refine.pdbx_overall_SU_R_Blow_DPI               ? 
_refine.pdbx_overall_SU_R_free_Blow_DPI          ? 
# 
_refine_hist.pdbx_refine_id                   'X-RAY DIFFRACTION' 
_refine_hist.cycle_id                         LAST 
_refine_hist.pdbx_number_atoms_protein        0 
_refine_hist.pdbx_number_atoms_nucleic_acid   404 
_refine_hist.pdbx_number_atoms_ligand         14 
_refine_hist.number_atoms_solvent             142 
_refine_hist.number_atoms_total               560 
_refine_hist.d_res_high                       1.500 
_refine_hist.d_res_low                        8.000 
# 
loop_
_refine_ls_restr.type 
_refine_ls_restr.dev_ideal 
_refine_ls_restr.dev_ideal_target 
_refine_ls_restr.weight 
_refine_ls_restr.number 
_refine_ls_restr.pdbx_refine_id 
_refine_ls_restr.pdbx_restraint_function 
n_bond_d               0.020 ? ? ? 'X-RAY DIFFRACTION' ? 
n_angle_d              ?     ? ? ? 'X-RAY DIFFRACTION' ? 
n_planar_d             ?     ? ? ? 'X-RAY DIFFRACTION' ? 
n_hb_or_metal_coord    ?     ? ? ? 'X-RAY DIFFRACTION' ? 
n_sugar_bond_it        ?     ? ? ? 'X-RAY DIFFRACTION' ? 
n_sugar_angle_it       ?     ? ? ? 'X-RAY DIFFRACTION' ? 
n_phos_bond_it         ?     ? ? ? 'X-RAY DIFFRACTION' ? 
n_phos_angle_it        ?     ? ? ? 'X-RAY DIFFRACTION' ? 
n_bond_angle_restr     ?     ? ? ? 'X-RAY DIFFRACTION' ? 
n_dihedral_angle_restr ?     ? ? ? 'X-RAY DIFFRACTION' ? 
n_impr_tor             ?     ? ? ? 'X-RAY DIFFRACTION' ? 
n_sugar_bond_d         ?     ? ? ? 'X-RAY DIFFRACTION' ? 
n_sugar_bond_angle_d   ?     ? ? ? 'X-RAY DIFFRACTION' ? 
n_phos_bond_d          ?     ? ? ? 'X-RAY DIFFRACTION' ? 
n_phos_bond_angle_d    ?     ? ? ? 'X-RAY DIFFRACTION' ? 
n_plane_restr          ?     ? ? ? 'X-RAY DIFFRACTION' ? 
n_chiral_restr         ?     ? ? ? 'X-RAY DIFFRACTION' ? 
n_singtor_nbd          ?     ? ? ? 'X-RAY DIFFRACTION' ? 
n_multtor_nbd          ?     ? ? ? 'X-RAY DIFFRACTION' ? 
n_xhyhbond_nbd         ?     ? ? ? 'X-RAY DIFFRACTION' ? 
# 
_struct.entry_id                  1D23 
_struct.title                     
'THE STRUCTURE OF B-HELICAL C-G-A-T-C-G-A-T-C-G AND COMPARISON WITH C-C-A-A-C-G-T-T-G-G. THE EFFECT OF BASE PAIR REVERSALS' 
_struct.pdbx_model_details        ? 
_struct.pdbx_CASP_flag            ? 
_struct.pdbx_model_type_details   ? 
# 
_struct_keywords.entry_id        1D23 
_struct_keywords.pdbx_keywords   DNA 
_struct_keywords.text            'B-DNA, DOUBLE HELIX, DNA' 
# 
loop_
_struct_asym.id 
_struct_asym.pdbx_blank_PDB_chainid_flag 
_struct_asym.pdbx_modified 
_struct_asym.entity_id 
_struct_asym.details 
A N N 1 ? 
B N N 1 ? 
C N N 2 ? 
D N N 2 ? 
E N N 3 ? 
F N N 3 ? 
# 
_struct_ref.id                         1 
_struct_ref.entity_id                  1 
_struct_ref.db_name                    PDB 
_struct_ref.db_code                    1D23 
_struct_ref.pdbx_db_accession          1D23 
_struct_ref.pdbx_db_isoform            ? 
_struct_ref.pdbx_seq_one_letter_code   ? 
_struct_ref.pdbx_align_begin           ? 
# 
loop_
_struct_ref_seq.align_id 
_struct_ref_seq.ref_id 
_struct_ref_seq.pdbx_PDB_id_code 
_struct_ref_seq.pdbx_strand_id 
_struct_ref_seq.seq_align_beg 
_struct_ref_seq.pdbx_seq_align_beg_ins_code 
_struct_ref_seq.seq_align_end 
_struct_ref_seq.pdbx_seq_align_end_ins_code 
_struct_ref_seq.pdbx_db_accession 
_struct_ref_seq.db_align_beg 
_struct_ref_seq.pdbx_db_align_beg_ins_code 
_struct_ref_seq.db_align_end 
_struct_ref_seq.pdbx_db_align_end_ins_code 
_struct_ref_seq.pdbx_auth_seq_align_beg 
_struct_ref_seq.pdbx_auth_seq_align_end 
1 1 1D23 A 1 ? 10 ? 1D23 1  ? 10 ? 1  10 
2 1 1D23 B 1 ? 10 ? 1D23 11 ? 20 ? 11 20 
# 
_pdbx_struct_assembly.id                   1 
_pdbx_struct_assembly.details              author_defined_assembly 
_pdbx_struct_assembly.method_details       ? 
_pdbx_struct_assembly.oligomeric_details   dimeric 
_pdbx_struct_assembly.oligomeric_count     2 
# 
_pdbx_struct_assembly_gen.assembly_id       1 
_pdbx_struct_assembly_gen.oper_expression   1 
_pdbx_struct_assembly_gen.asym_id_list      A,B,C,D,E,F 
# 
_pdbx_struct_oper_list.id                   1 
_pdbx_struct_oper_list.type                 'identity operation' 
_pdbx_struct_oper_list.name                 1_555 
_pdbx_struct_oper_list.symmetry_operation   x,y,z 
_pdbx_struct_oper_list.matrix[1][1]         1.0000000000 
_pdbx_struct_oper_list.matrix[1][2]         0.0000000000 
_pdbx_struct_oper_list.matrix[1][3]         0.0000000000 
_pdbx_struct_oper_list.vector[1]            0.0000000000 
_pdbx_struct_oper_list.matrix[2][1]         0.0000000000 
_pdbx_struct_oper_list.matrix[2][2]         1.0000000000 
_pdbx_struct_oper_list.matrix[2][3]         0.0000000000 
_pdbx_struct_oper_list.vector[2]            0.0000000000 
_pdbx_struct_oper_list.matrix[3][1]         0.0000000000 
_pdbx_struct_oper_list.matrix[3][2]         0.0000000000 
_pdbx_struct_oper_list.matrix[3][3]         1.0000000000 
_pdbx_struct_oper_list.vector[3]            0.0000000000 
# 
_struct_biol.id   1 
# 
loop_
_struct_conn.id 
_struct_conn.conn_type_id 
_struct_conn.pdbx_leaving_atom_flag 
_struct_conn.pdbx_PDB_id 
_struct_conn.ptnr1_label_asym_id 
_struct_conn.ptnr1_label_comp_id 
_struct_conn.ptnr1_label_seq_id 
_struct_conn.ptnr1_label_atom_id 
_struct_conn.pdbx_ptnr1_label_alt_id 
_struct_conn.pdbx_ptnr1_PDB_ins_code 
_struct_conn.pdbx_ptnr1_standard_comp_id 
_struct_conn.ptnr1_symmetry 
_struct_conn.ptnr2_label_asym_id 
_struct_conn.ptnr2_label_comp_id 
_struct_conn.ptnr2_label_seq_id 
_struct_conn.ptnr2_label_atom_id 
_struct_conn.pdbx_ptnr2_label_alt_id 
_struct_conn.pdbx_ptnr2_PDB_ins_code 
_struct_conn.ptnr1_auth_asym_id 
_struct_conn.ptnr1_auth_comp_id 
_struct_conn.ptnr1_auth_seq_id 
_struct_conn.ptnr2_auth_asym_id 
_struct_conn.ptnr2_auth_comp_id 
_struct_conn.ptnr2_auth_seq_id 
_struct_conn.ptnr2_symmetry 
_struct_conn.pdbx_ptnr3_label_atom_id 
_struct_conn.pdbx_ptnr3_label_seq_id 
_struct_conn.pdbx_ptnr3_label_comp_id 
_struct_conn.pdbx_ptnr3_label_asym_id 
_struct_conn.pdbx_ptnr3_label_alt_id 
_struct_conn.pdbx_ptnr3_PDB_ins_code 
_struct_conn.details 
_struct_conn.pdbx_dist_value 
_struct_conn.pdbx_value_order 
_struct_conn.pdbx_role 
metalc1  metalc ? ? C MG  .  MG ? ? ? 1_555 E HOH .  O  ? ? A MG  22  A HOH 171 1_555 ? ? ? ? ? ? ?            1.953 ? ? 
metalc2  metalc ? ? C MG  .  MG ? ? ? 1_555 E HOH .  O  ? ? A MG  22  A HOH 174 1_555 ? ? ? ? ? ? ?            2.015 ? ? 
metalc3  metalc ? ? C MG  .  MG ? ? ? 1_555 E HOH .  O  ? ? A MG  22  A HOH 175 1_555 ? ? ? ? ? ? ?            2.020 ? ? 
metalc4  metalc ? ? C MG  .  MG ? ? ? 1_555 E HOH .  O  ? ? A MG  22  A HOH 176 1_555 ? ? ? ? ? ? ?            2.001 ? ? 
metalc5  metalc ? ? C MG  .  MG ? ? ? 1_555 F HOH .  O  ? ? A MG  22  B HOH 172 1_555 ? ? ? ? ? ? ?            2.064 ? ? 
metalc6  metalc ? ? C MG  .  MG ? ? ? 1_555 F HOH .  O  ? ? A MG  22  B HOH 173 1_555 ? ? ? ? ? ? ?            1.997 ? ? 
metalc7  metalc ? ? E HOH .  O  ? ? ? 1_555 D MG  .  MG ? ? A HOH 166 B MG  21  1_555 ? ? ? ? ? ? ?            2.035 ? ? 
metalc8  metalc ? ? E HOH .  O  ? ? ? 1_555 D MG  .  MG ? ? A HOH 167 B MG  21  1_555 ? ? ? ? ? ? ?            2.005 ? ? 
metalc9  metalc ? ? E HOH .  O  ? ? ? 1_555 D MG  .  MG ? ? A HOH 169 B MG  21  1_555 ? ? ? ? ? ? ?            2.053 ? ? 
metalc10 metalc ? ? E HOH .  O  ? ? ? 1_555 D MG  .  MG ? ? A HOH 170 B MG  21  1_555 ? ? ? ? ? ? ?            2.003 ? ? 
metalc11 metalc ? ? D MG  .  MG ? ? ? 1_555 F HOH .  O  ? ? B MG  21  B HOH 165 1_555 ? ? ? ? ? ? ?            2.002 ? ? 
metalc12 metalc ? ? D MG  .  MG ? ? ? 1_555 F HOH .  O  ? ? B MG  21  B HOH 168 1_555 ? ? ? ? ? ? ?            2.050 ? ? 
hydrog1  hydrog ? ? A DC  1  N3 ? ? ? 1_555 B DG  10 N1 ? ? A DC  1   B DG  20  1_555 ? ? ? ? ? ? WATSON-CRICK ?     ? ? 
hydrog2  hydrog ? ? A DC  1  N4 ? ? ? 1_555 B DG  10 O6 ? ? A DC  1   B DG  20  1_555 ? ? ? ? ? ? WATSON-CRICK ?     ? ? 
hydrog3  hydrog ? ? A DC  1  O2 ? ? ? 1_555 B DG  10 N2 ? ? A DC  1   B DG  20  1_555 ? ? ? ? ? ? WATSON-CRICK ?     ? ? 
hydrog4  hydrog ? ? A DG  2  N1 ? ? ? 1_555 B DC  9  N3 ? ? A DG  2   B DC  19  1_555 ? ? ? ? ? ? WATSON-CRICK ?     ? ? 
hydrog5  hydrog ? ? A DG  2  N2 ? ? ? 1_555 B DC  9  O2 ? ? A DG  2   B DC  19  1_555 ? ? ? ? ? ? WATSON-CRICK ?     ? ? 
hydrog6  hydrog ? ? A DG  2  O6 ? ? ? 1_555 B DC  9  N4 ? ? A DG  2   B DC  19  1_555 ? ? ? ? ? ? WATSON-CRICK ?     ? ? 
hydrog7  hydrog ? ? A DA  3  N1 ? ? ? 1_555 B DT  8  N3 ? ? A DA  3   B DT  18  1_555 ? ? ? ? ? ? WATSON-CRICK ?     ? ? 
hydrog8  hydrog ? ? A DA  3  N6 ? ? ? 1_555 B DT  8  O4 ? ? A DA  3   B DT  18  1_555 ? ? ? ? ? ? WATSON-CRICK ?     ? ? 
hydrog9  hydrog ? ? A DT  4  N3 ? ? ? 1_555 B DA  7  N1 ? ? A DT  4   B DA  17  1_555 ? ? ? ? ? ? WATSON-CRICK ?     ? ? 
hydrog10 hydrog ? ? A DT  4  O4 ? ? ? 1_555 B DA  7  N6 ? ? A DT  4   B DA  17  1_555 ? ? ? ? ? ? WATSON-CRICK ?     ? ? 
hydrog11 hydrog ? ? A DC  5  N3 ? ? ? 1_555 B DG  6  N1 ? ? A DC  5   B DG  16  1_555 ? ? ? ? ? ? WATSON-CRICK ?     ? ? 
hydrog12 hydrog ? ? A DC  5  N4 ? ? ? 1_555 B DG  6  O6 ? ? A DC  5   B DG  16  1_555 ? ? ? ? ? ? WATSON-CRICK ?     ? ? 
hydrog13 hydrog ? ? A DC  5  O2 ? ? ? 1_555 B DG  6  N2 ? ? A DC  5   B DG  16  1_555 ? ? ? ? ? ? WATSON-CRICK ?     ? ? 
hydrog14 hydrog ? ? A DG  6  N1 ? ? ? 1_555 B DC  5  N3 ? ? A DG  6   B DC  15  1_555 ? ? ? ? ? ? WATSON-CRICK ?     ? ? 
hydrog15 hydrog ? ? A DG  6  N2 ? ? ? 1_555 B DC  5  O2 ? ? A DG  6   B DC  15  1_555 ? ? ? ? ? ? WATSON-CRICK ?     ? ? 
hydrog16 hydrog ? ? A DG  6  O6 ? ? ? 1_555 B DC  5  N4 ? ? A DG  6   B DC  15  1_555 ? ? ? ? ? ? WATSON-CRICK ?     ? ? 
hydrog17 hydrog ? ? A DA  7  N1 ? ? ? 1_555 B DT  4  N3 ? ? A DA  7   B DT  14  1_555 ? ? ? ? ? ? WATSON-CRICK ?     ? ? 
hydrog18 hydrog ? ? A DA  7  N6 ? ? ? 1_555 B DT  4  O4 ? ? A DA  7   B DT  14  1_555 ? ? ? ? ? ? WATSON-CRICK ?     ? ? 
hydrog19 hydrog ? ? A DT  8  N3 ? ? ? 1_555 B DA  3  N1 ? ? A DT  8   B DA  13  1_555 ? ? ? ? ? ? WATSON-CRICK ?     ? ? 
hydrog20 hydrog ? ? A DT  8  O4 ? ? ? 1_555 B DA  3  N6 ? ? A DT  8   B DA  13  1_555 ? ? ? ? ? ? WATSON-CRICK ?     ? ? 
hydrog21 hydrog ? ? A DC  9  N3 ? ? ? 1_555 B DG  2  N1 ? ? A DC  9   B DG  12  1_555 ? ? ? ? ? ? WATSON-CRICK ?     ? ? 
hydrog22 hydrog ? ? A DC  9  N4 ? ? ? 1_555 B DG  2  O6 ? ? A DC  9   B DG  12  1_555 ? ? ? ? ? ? WATSON-CRICK ?     ? ? 
hydrog23 hydrog ? ? A DC  9  O2 ? ? ? 1_555 B DG  2  N2 ? ? A DC  9   B DG  12  1_555 ? ? ? ? ? ? WATSON-CRICK ?     ? ? 
hydrog24 hydrog ? ? A DG  10 N1 ? ? ? 1_555 B DC  1  N3 ? ? A DG  10  B DC  11  1_555 ? ? ? ? ? ? WATSON-CRICK ?     ? ? 
hydrog25 hydrog ? ? A DG  10 N2 ? ? ? 1_555 B DC  1  O2 ? ? A DG  10  B DC  11  1_555 ? ? ? ? ? ? WATSON-CRICK ?     ? ? 
hydrog26 hydrog ? ? A DG  10 O6 ? ? ? 1_555 B DC  1  N4 ? ? A DG  10  B DC  11  1_555 ? ? ? ? ? ? WATSON-CRICK ?     ? ? 
# 
loop_
_struct_conn_type.id 
_struct_conn_type.criteria 
_struct_conn_type.reference 
metalc ? ? 
hydrog ? ? 
# 
loop_
_pdbx_struct_conn_angle.id 
_pdbx_struct_conn_angle.ptnr1_label_atom_id 
_pdbx_struct_conn_angle.ptnr1_label_alt_id 
_pdbx_struct_conn_angle.ptnr1_label_asym_id 
_pdbx_struct_conn_angle.ptnr1_label_comp_id 
_pdbx_struct_conn_angle.ptnr1_label_seq_id 
_pdbx_struct_conn_angle.ptnr1_auth_atom_id 
_pdbx_struct_conn_angle.ptnr1_auth_asym_id 
_pdbx_struct_conn_angle.ptnr1_auth_comp_id 
_pdbx_struct_conn_angle.ptnr1_auth_seq_id 
_pdbx_struct_conn_angle.ptnr1_PDB_ins_code 
_pdbx_struct_conn_angle.ptnr1_symmetry 
_pdbx_struct_conn_angle.ptnr2_label_atom_id 
_pdbx_struct_conn_angle.ptnr2_label_alt_id 
_pdbx_struct_conn_angle.ptnr2_label_asym_id 
_pdbx_struct_conn_angle.ptnr2_label_comp_id 
_pdbx_struct_conn_angle.ptnr2_label_seq_id 
_pdbx_struct_conn_angle.ptnr2_auth_atom_id 
_pdbx_struct_conn_angle.ptnr2_auth_asym_id 
_pdbx_struct_conn_angle.ptnr2_auth_comp_id 
_pdbx_struct_conn_angle.ptnr2_auth_seq_id 
_pdbx_struct_conn_angle.ptnr2_PDB_ins_code 
_pdbx_struct_conn_angle.ptnr2_symmetry 
_pdbx_struct_conn_angle.ptnr3_label_atom_id 
_pdbx_struct_conn_angle.ptnr3_label_alt_id 
_pdbx_struct_conn_angle.ptnr3_label_asym_id 
_pdbx_struct_conn_angle.ptnr3_label_comp_id 
_pdbx_struct_conn_angle.ptnr3_label_seq_id 
_pdbx_struct_conn_angle.ptnr3_auth_atom_id 
_pdbx_struct_conn_angle.ptnr3_auth_asym_id 
_pdbx_struct_conn_angle.ptnr3_auth_comp_id 
_pdbx_struct_conn_angle.ptnr3_auth_seq_id 
_pdbx_struct_conn_angle.ptnr3_PDB_ins_code 
_pdbx_struct_conn_angle.ptnr3_symmetry 
_pdbx_struct_conn_angle.value 
_pdbx_struct_conn_angle.value_esd 
1  O ? E HOH . ? A HOH 171 ? 1_555 MG ? C MG . ? A MG 22 ? 1_555 O ? E HOH . ? A HOH 174 ? 1_555 90.2  ? 
2  O ? E HOH . ? A HOH 171 ? 1_555 MG ? C MG . ? A MG 22 ? 1_555 O ? E HOH . ? A HOH 175 ? 1_555 91.5  ? 
3  O ? E HOH . ? A HOH 174 ? 1_555 MG ? C MG . ? A MG 22 ? 1_555 O ? E HOH . ? A HOH 175 ? 1_555 89.1  ? 
4  O ? E HOH . ? A HOH 171 ? 1_555 MG ? C MG . ? A MG 22 ? 1_555 O ? E HOH . ? A HOH 176 ? 1_555 89.9  ? 
5  O ? E HOH . ? A HOH 174 ? 1_555 MG ? C MG . ? A MG 22 ? 1_555 O ? E HOH . ? A HOH 176 ? 1_555 89.2  ? 
6  O ? E HOH . ? A HOH 175 ? 1_555 MG ? C MG . ? A MG 22 ? 1_555 O ? E HOH . ? A HOH 176 ? 1_555 177.8 ? 
7  O ? E HOH . ? A HOH 171 ? 1_555 MG ? C MG . ? A MG 22 ? 1_555 O ? F HOH . ? B HOH 172 ? 1_555 178.4 ? 
8  O ? E HOH . ? A HOH 174 ? 1_555 MG ? C MG . ? A MG 22 ? 1_555 O ? F HOH . ? B HOH 172 ? 1_555 88.8  ? 
9  O ? E HOH . ? A HOH 175 ? 1_555 MG ? C MG . ? A MG 22 ? 1_555 O ? F HOH . ? B HOH 172 ? 1_555 89.8  ? 
10 O ? E HOH . ? A HOH 176 ? 1_555 MG ? C MG . ? A MG 22 ? 1_555 O ? F HOH . ? B HOH 172 ? 1_555 88.8  ? 
11 O ? E HOH . ? A HOH 171 ? 1_555 MG ? C MG . ? A MG 22 ? 1_555 O ? F HOH . ? B HOH 173 ? 1_555 92.2  ? 
12 O ? E HOH . ? A HOH 174 ? 1_555 MG ? C MG . ? A MG 22 ? 1_555 O ? F HOH . ? B HOH 173 ? 1_555 177.4 ? 
13 O ? E HOH . ? A HOH 175 ? 1_555 MG ? C MG . ? A MG 22 ? 1_555 O ? F HOH . ? B HOH 173 ? 1_555 91.8  ? 
14 O ? E HOH . ? A HOH 176 ? 1_555 MG ? C MG . ? A MG 22 ? 1_555 O ? F HOH . ? B HOH 173 ? 1_555 89.9  ? 
15 O ? F HOH . ? B HOH 172 ? 1_555 MG ? C MG . ? A MG 22 ? 1_555 O ? F HOH . ? B HOH 173 ? 1_555 88.7  ? 
16 O ? E HOH . ? A HOH 166 ? 1_555 MG ? D MG . ? B MG 21 ? 1_555 O ? E HOH . ? A HOH 167 ? 1_555 89.8  ? 
17 O ? E HOH . ? A HOH 166 ? 1_555 MG ? D MG . ? B MG 21 ? 1_555 O ? E HOH . ? A HOH 169 ? 1_555 88.9  ? 
18 O ? E HOH . ? A HOH 167 ? 1_555 MG ? D MG . ? B MG 21 ? 1_555 O ? E HOH . ? A HOH 169 ? 1_555 89.6  ? 
19 O ? E HOH . ? A HOH 166 ? 1_555 MG ? D MG . ? B MG 21 ? 1_555 O ? E HOH . ? A HOH 170 ? 1_555 88.0  ? 
20 O ? E HOH . ? A HOH 167 ? 1_555 MG ? D MG . ? B MG 21 ? 1_555 O ? E HOH . ? A HOH 170 ? 1_555 91.0  ? 
21 O ? E HOH . ? A HOH 169 ? 1_555 MG ? D MG . ? B MG 21 ? 1_555 O ? E HOH . ? A HOH 170 ? 1_555 176.8 ? 
22 O ? E HOH . ? A HOH 166 ? 1_555 MG ? D MG . ? B MG 21 ? 1_555 O ? F HOH . ? B HOH 165 ? 1_555 178.5 ? 
23 O ? E HOH . ? A HOH 167 ? 1_555 MG ? D MG . ? B MG 21 ? 1_555 O ? F HOH . ? B HOH 165 ? 1_555 89.0  ? 
24 O ? E HOH . ? A HOH 169 ? 1_555 MG ? D MG . ? B MG 21 ? 1_555 O ? F HOH . ? B HOH 165 ? 1_555 90.1  ? 
25 O ? E HOH . ? A HOH 170 ? 1_555 MG ? D MG . ? B MG 21 ? 1_555 O ? F HOH . ? B HOH 165 ? 1_555 93.0  ? 
26 O ? E HOH . ? A HOH 166 ? 1_555 MG ? D MG . ? B MG 21 ? 1_555 O ? F HOH . ? B HOH 168 ? 1_555 90.4  ? 
27 O ? E HOH . ? A HOH 167 ? 1_555 MG ? D MG . ? B MG 21 ? 1_555 O ? F HOH . ? B HOH 168 ? 1_555 176.6 ? 
28 O ? E HOH . ? A HOH 169 ? 1_555 MG ? D MG . ? B MG 21 ? 1_555 O ? F HOH . ? B HOH 168 ? 1_555 87.0  ? 
29 O ? E HOH . ? A HOH 170 ? 1_555 MG ? D MG . ? B MG 21 ? 1_555 O ? F HOH . ? B HOH 168 ? 1_555 92.4  ? 
30 O ? F HOH . ? B HOH 165 ? 1_555 MG ? D MG . ? B MG 21 ? 1_555 O ? F HOH . ? B HOH 168 ? 1_555 90.7  ? 
# 
loop_
_struct_site.id 
_struct_site.pdbx_evidence_code 
_struct_site.pdbx_auth_asym_id 
_struct_site.pdbx_auth_comp_id 
_struct_site.pdbx_auth_seq_id 
_struct_site.pdbx_auth_ins_code 
_struct_site.pdbx_num_residues 
_struct_site.details 
AC1 Software B MG 21 ? 6 'BINDING SITE FOR RESIDUE MG B 21' 
AC2 Software A MG 22 ? 6 'BINDING SITE FOR RESIDUE MG A 22' 
# 
loop_
_struct_site_gen.id 
_struct_site_gen.site_id 
_struct_site_gen.pdbx_num_res 
_struct_site_gen.label_comp_id 
_struct_site_gen.label_asym_id 
_struct_site_gen.label_seq_id 
_struct_site_gen.pdbx_auth_ins_code 
_struct_site_gen.auth_comp_id 
_struct_site_gen.auth_asym_id 
_struct_site_gen.auth_seq_id 
_struct_site_gen.label_atom_id 
_struct_site_gen.label_alt_id 
_struct_site_gen.symmetry 
_struct_site_gen.details 
1  AC1 6 HOH E . ? HOH A 166 . ? 1_555 ? 
2  AC1 6 HOH E . ? HOH A 167 . ? 1_555 ? 
3  AC1 6 HOH E . ? HOH A 169 . ? 1_555 ? 
4  AC1 6 HOH E . ? HOH A 170 . ? 1_555 ? 
5  AC1 6 HOH F . ? HOH B 165 . ? 1_555 ? 
6  AC1 6 HOH F . ? HOH B 168 . ? 1_555 ? 
7  AC2 6 HOH E . ? HOH A 171 . ? 1_555 ? 
8  AC2 6 HOH E . ? HOH A 174 . ? 1_555 ? 
9  AC2 6 HOH E . ? HOH A 175 . ? 1_555 ? 
10 AC2 6 HOH E . ? HOH A 176 . ? 1_555 ? 
11 AC2 6 HOH F . ? HOH B 172 . ? 1_555 ? 
12 AC2 6 HOH F . ? HOH B 173 . ? 1_555 ? 
# 
loop_
_pdbx_validate_close_contact.id 
_pdbx_validate_close_contact.PDB_model_num 
_pdbx_validate_close_contact.auth_atom_id_1 
_pdbx_validate_close_contact.auth_asym_id_1 
_pdbx_validate_close_contact.auth_comp_id_1 
_pdbx_validate_close_contact.auth_seq_id_1 
_pdbx_validate_close_contact.PDB_ins_code_1 
_pdbx_validate_close_contact.label_alt_id_1 
_pdbx_validate_close_contact.auth_atom_id_2 
_pdbx_validate_close_contact.auth_asym_id_2 
_pdbx_validate_close_contact.auth_comp_id_2 
_pdbx_validate_close_contact.auth_seq_id_2 
_pdbx_validate_close_contact.PDB_ins_code_2 
_pdbx_validate_close_contact.label_alt_id_2 
_pdbx_validate_close_contact.dist 
1 1 O A HOH 42 ? ? O A HOH 67 ? ? 2.18 
2 1 O B HOH 35 ? ? O B HOH 77 ? ? 2.18 
# 
_pdbx_validate_symm_contact.id                1 
_pdbx_validate_symm_contact.PDB_model_num     1 
_pdbx_validate_symm_contact.auth_atom_id_1    O 
_pdbx_validate_symm_contact.auth_asym_id_1    A 
_pdbx_validate_symm_contact.auth_comp_id_1    HOH 
_pdbx_validate_symm_contact.auth_seq_id_1     144 
_pdbx_validate_symm_contact.PDB_ins_code_1    ? 
_pdbx_validate_symm_contact.label_alt_id_1    ? 
_pdbx_validate_symm_contact.site_symmetry_1   1_555 
_pdbx_validate_symm_contact.auth_atom_id_2    O 
_pdbx_validate_symm_contact.auth_asym_id_2    B 
_pdbx_validate_symm_contact.auth_comp_id_2    HOH 
_pdbx_validate_symm_contact.auth_seq_id_2     161 
_pdbx_validate_symm_contact.PDB_ins_code_2    ? 
_pdbx_validate_symm_contact.label_alt_id_2    ? 
_pdbx_validate_symm_contact.site_symmetry_2   2_554 
_pdbx_validate_symm_contact.dist              2.15 
# 
loop_
_pdbx_validate_rmsd_bond.id 
_pdbx_validate_rmsd_bond.PDB_model_num 
_pdbx_validate_rmsd_bond.auth_atom_id_1 
_pdbx_validate_rmsd_bond.auth_asym_id_1 
_pdbx_validate_rmsd_bond.auth_comp_id_1 
_pdbx_validate_rmsd_bond.auth_seq_id_1 
_pdbx_validate_rmsd_bond.PDB_ins_code_1 
_pdbx_validate_rmsd_bond.label_alt_id_1 
_pdbx_validate_rmsd_bond.auth_atom_id_2 
_pdbx_validate_rmsd_bond.auth_asym_id_2 
_pdbx_validate_rmsd_bond.auth_comp_id_2 
_pdbx_validate_rmsd_bond.auth_seq_id_2 
_pdbx_validate_rmsd_bond.PDB_ins_code_2 
_pdbx_validate_rmsd_bond.label_alt_id_2 
_pdbx_validate_rmsd_bond.bond_value 
_pdbx_validate_rmsd_bond.bond_target_value 
_pdbx_validate_rmsd_bond.bond_deviation 
_pdbx_validate_rmsd_bond.bond_standard_deviation 
_pdbx_validate_rmsd_bond.linker_flag 
1 1 "C5'" A DT 4  ? ? "C4'" A DT 4  ? ? 1.559 1.512 0.047  0.007 N 
2 1 "O4'" A DT 4  ? ? "C1'" A DT 4  ? ? 1.503 1.420 0.083  0.011 N 
3 1 "C2'" A DC 9  ? ? "C1'" A DC 9  ? ? 1.454 1.518 -0.064 0.010 N 
4 1 "O4'" A DC 9  ? ? "C1'" A DC 9  ? ? 1.513 1.420 0.093  0.011 N 
5 1 "O4'" A DC 9  ? ? "C4'" A DC 9  ? ? 1.380 1.446 -0.066 0.010 N 
6 1 "O4'" B DT 14 ? ? "C1'" B DT 14 ? ? 1.505 1.420 0.085  0.011 N 
7 1 "O4'" B DT 14 ? ? "C4'" B DT 14 ? ? 1.381 1.446 -0.065 0.010 N 
8 1 "O4'" B DC 15 ? ? "C4'" B DC 15 ? ? 1.369 1.446 -0.077 0.010 N 
9 1 "O4'" B DA 17 ? ? "C1'" B DA 17 ? ? 1.491 1.420 0.071  0.011 N 
# 
loop_
_pdbx_validate_rmsd_angle.id 
_pdbx_validate_rmsd_angle.PDB_model_num 
_pdbx_validate_rmsd_angle.auth_atom_id_1 
_pdbx_validate_rmsd_angle.auth_asym_id_1 
_pdbx_validate_rmsd_angle.auth_comp_id_1 
_pdbx_validate_rmsd_angle.auth_seq_id_1 
_pdbx_validate_rmsd_angle.PDB_ins_code_1 
_pdbx_validate_rmsd_angle.label_alt_id_1 
_pdbx_validate_rmsd_angle.auth_atom_id_2 
_pdbx_validate_rmsd_angle.auth_asym_id_2 
_pdbx_validate_rmsd_angle.auth_comp_id_2 
_pdbx_validate_rmsd_angle.auth_seq_id_2 
_pdbx_validate_rmsd_angle.PDB_ins_code_2 
_pdbx_validate_rmsd_angle.label_alt_id_2 
_pdbx_validate_rmsd_angle.auth_atom_id_3 
_pdbx_validate_rmsd_angle.auth_asym_id_3 
_pdbx_validate_rmsd_angle.auth_comp_id_3 
_pdbx_validate_rmsd_angle.auth_seq_id_3 
_pdbx_validate_rmsd_angle.PDB_ins_code_3 
_pdbx_validate_rmsd_angle.label_alt_id_3 
_pdbx_validate_rmsd_angle.angle_value 
_pdbx_validate_rmsd_angle.angle_target_value 
_pdbx_validate_rmsd_angle.angle_deviation 
_pdbx_validate_rmsd_angle.angle_standard_deviation 
_pdbx_validate_rmsd_angle.linker_flag 
1  1 "O4'" A DC 1  ? ? "C1'" A DC 1  ? ? N1    A DC 1  ? ? 111.61 108.30 3.31   0.30 N 
2  1 N3    A DC 1  ? ? C4    A DC 1  ? ? C5    A DC 1  ? ? 118.79 121.90 -3.11  0.40 N 
3  1 N3    A DC 1  ? ? C4    A DC 1  ? ? N4    A DC 1  ? ? 122.21 118.00 4.21   0.70 N 
4  1 "C3'" A DC 1  ? ? "O3'" A DC 1  ? ? P     A DG 2  ? ? 127.61 119.70 7.91   1.20 Y 
5  1 C5    A DG 2  ? ? C6    A DG 2  ? ? N1    A DG 2  ? ? 114.55 111.50 3.05   0.50 N 
6  1 N1    A DA 3  ? ? C2    A DA 3  ? ? N3    A DA 3  ? ? 125.80 129.30 -3.50  0.50 N 
7  1 C5    A DA 3  ? ? C6    A DA 3  ? ? N1    A DA 3  ? ? 114.56 117.70 -3.14  0.50 N 
8  1 "C3'" A DA 3  ? ? "O3'" A DA 3  ? ? P     A DT 4  ? ? 127.73 119.70 8.03   1.20 Y 
9  1 N1    A DT 4  ? ? C2    A DT 4  ? ? N3    A DT 4  ? ? 119.17 114.60 4.57   0.60 N 
10 1 C2    A DT 4  ? ? N3    A DT 4  ? ? C4    A DT 4  ? ? 122.50 127.20 -4.70  0.60 N 
11 1 "O5'" A DC 5  ? ? "C5'" A DC 5  ? ? "C4'" A DC 5  ? ? 103.40 109.40 -6.00  0.80 N 
12 1 N1    A DC 5  ? ? C2    A DC 5  ? ? O2    A DC 5  ? ? 122.55 118.90 3.65   0.60 N 
13 1 "O5'" A DG 6  ? ? "C5'" A DG 6  ? ? "C4'" A DG 6  ? ? 104.00 109.40 -5.40  0.80 N 
14 1 "C3'" A DG 6  ? ? "C2'" A DG 6  ? ? "C1'" A DG 6  ? ? 97.27  102.40 -5.13  0.80 N 
15 1 "O4'" A DG 6  ? ? "C1'" A DG 6  ? ? N9    A DG 6  ? ? 111.95 108.30 3.65   0.30 N 
16 1 C5    A DG 6  ? ? C6    A DG 6  ? ? N1    A DG 6  ? ? 114.66 111.50 3.16   0.50 N 
17 1 "C3'" A DG 6  ? ? "O3'" A DG 6  ? ? P     A DA 7  ? ? 127.71 119.70 8.01   1.20 Y 
18 1 "O4'" A DA 7  ? ? "C1'" A DA 7  ? ? N9    A DA 7  ? ? 110.94 108.30 2.64   0.30 N 
19 1 C6    A DA 7  ? ? N1    A DA 7  ? ? C2    A DA 7  ? ? 122.47 118.60 3.87   0.60 N 
20 1 C5    A DA 7  ? ? C6    A DA 7  ? ? N1    A DA 7  ? ? 114.25 117.70 -3.45  0.50 N 
21 1 "C3'" A DA 7  ? ? "O3'" A DA 7  ? ? P     A DT 8  ? ? 127.35 119.70 7.65   1.20 Y 
22 1 "O3'" A DA 7  ? ? P     A DT 8  ? ? OP2   A DT 8  ? ? 120.19 110.50 9.69   1.10 Y 
23 1 P     A DT 8  ? ? "O5'" A DT 8  ? ? "C5'" A DT 8  ? ? 110.31 120.90 -10.59 1.60 N 
24 1 C2    A DT 8  ? ? N3    A DT 8  ? ? C4    A DT 8  ? ? 123.05 127.20 -4.15  0.60 N 
25 1 "O4'" A DC 9  ? ? "C1'" A DC 9  ? ? N1    A DC 9  ? ? 103.02 108.00 -4.98  0.70 N 
26 1 "O5'" A DG 10 ? ? "C5'" A DG 10 ? ? "C4'" A DG 10 ? ? 102.73 109.40 -6.67  0.80 N 
27 1 C5    A DG 10 ? ? C6    A DG 10 ? ? N1    A DG 10 ? ? 114.79 111.50 3.29   0.50 N 
28 1 "O5'" B DC 11 ? ? "C5'" B DC 11 ? ? "C4'" B DC 11 ? ? 104.34 109.40 -5.06  0.80 N 
29 1 "C3'" B DC 11 ? ? "C2'" B DC 11 ? ? "C1'" B DC 11 ? ? 97.18  102.40 -5.22  0.80 N 
30 1 "O4'" B DC 11 ? ? "C1'" B DC 11 ? ? N1    B DC 11 ? ? 112.52 108.30 4.22   0.30 N 
31 1 C5    B DG 12 ? ? C6    B DG 12 ? ? N1    B DG 12 ? ? 114.59 111.50 3.09   0.50 N 
32 1 "C3'" B DG 12 ? ? "O3'" B DG 12 ? ? P     B DA 13 ? ? 135.26 119.70 15.56  1.20 Y 
33 1 C6    B DA 13 ? ? N1    B DA 13 ? ? C2    B DA 13 ? ? 122.66 118.60 4.06   0.60 N 
34 1 N1    B DA 13 ? ? C2    B DA 13 ? ? N3    B DA 13 ? ? 125.32 129.30 -3.98  0.50 N 
35 1 C5    B DA 13 ? ? C6    B DA 13 ? ? N1    B DA 13 ? ? 114.61 117.70 -3.09  0.50 N 
36 1 C2    B DT 14 ? ? N3    B DT 14 ? ? C4    B DT 14 ? ? 122.53 127.20 -4.67  0.60 N 
37 1 N3    B DT 14 ? ? C4    B DT 14 ? ? C5    B DT 14 ? ? 118.97 115.20 3.77   0.60 N 
38 1 "O3'" B DC 15 ? ? P     B DG 16 ? ? OP2   B DG 16 ? ? 118.01 110.50 7.51   1.10 Y 
39 1 "C3'" B DG 16 ? ? "C2'" B DG 16 ? ? "C1'" B DG 16 ? ? 96.14  102.40 -6.26  0.80 N 
40 1 "O4'" B DG 16 ? ? "C1'" B DG 16 ? ? N9    B DG 16 ? ? 112.39 108.30 4.09   0.30 N 
41 1 C5    B DG 16 ? ? C6    B DG 16 ? ? N1    B DG 16 ? ? 114.53 111.50 3.03   0.50 N 
42 1 OP1   B DA 17 ? ? P     B DA 17 ? ? OP2   B DA 17 ? ? 110.52 119.60 -9.08  1.50 N 
43 1 "O5'" B DA 17 ? ? P     B DA 17 ? ? OP1   B DA 17 ? ? 124.30 110.70 13.60  1.20 N 
44 1 P     B DA 17 ? ? "O5'" B DA 17 ? ? "C5'" B DA 17 ? ? 141.35 120.90 20.45  1.60 N 
45 1 "O4'" B DA 17 ? ? "C4'" B DA 17 ? ? "C3'" B DA 17 ? ? 100.90 104.50 -3.60  0.40 N 
46 1 "C5'" B DA 17 ? ? "C4'" B DA 17 ? ? "O4'" B DA 17 ? ? 116.97 109.80 7.17   1.10 N 
47 1 N1    B DA 17 ? ? C6    B DA 17 ? ? N6    B DA 17 ? ? 122.26 118.60 3.66   0.60 N 
48 1 N3    B DC 19 ? ? C4    B DC 19 ? ? C5    B DC 19 ? ? 119.41 121.90 -2.49  0.40 N 
49 1 C5    B DG 20 ? ? C6    B DG 20 ? ? N1    B DG 20 ? ? 114.90 111.50 3.40   0.50 N 
50 1 C5    B DG 20 ? ? C6    B DG 20 ? ? O6    B DG 20 ? ? 124.44 128.60 -4.16  0.60 N 
# 
loop_
_refine_B_iso.class 
_refine_B_iso.details 
_refine_B_iso.treatment 
_refine_B_iso.pdbx_refine_id 
'ALL ATOMS'  TR isotropic 'X-RAY DIFFRACTION' 
'ALL WATERS' TR isotropic 'X-RAY DIFFRACTION' 
# 
loop_
_refine_occupancy.class 
_refine_occupancy.treatment 
_refine_occupancy.pdbx_refine_id 
'ALL ATOMS'  fix 'X-RAY DIFFRACTION' 
'ALL WATERS' fix 'X-RAY DIFFRACTION' 
# 
loop_
_chem_comp_atom.comp_id 
_chem_comp_atom.atom_id 
_chem_comp_atom.type_symbol 
_chem_comp_atom.pdbx_aromatic_flag 
_chem_comp_atom.pdbx_stereo_config 
_chem_comp_atom.pdbx_ordinal 
DA  OP3    O  N N 1   
DA  P      P  N N 2   
DA  OP1    O  N N 3   
DA  OP2    O  N N 4   
DA  "O5'"  O  N N 5   
DA  "C5'"  C  N N 6   
DA  "C4'"  C  N R 7   
DA  "O4'"  O  N N 8   
DA  "C3'"  C  N S 9   
DA  "O3'"  O  N N 10  
DA  "C2'"  C  N N 11  
DA  "C1'"  C  N R 12  
DA  N9     N  Y N 13  
DA  C8     C  Y N 14  
DA  N7     N  Y N 15  
DA  C5     C  Y N 16  
DA  C6     C  Y N 17  
DA  N6     N  N N 18  
DA  N1     N  Y N 19  
DA  C2     C  Y N 20  
DA  N3     N  Y N 21  
DA  C4     C  Y N 22  
DA  HOP3   H  N N 23  
DA  HOP2   H  N N 24  
DA  "H5'"  H  N N 25  
DA  "H5''" H  N N 26  
DA  "H4'"  H  N N 27  
DA  "H3'"  H  N N 28  
DA  "HO3'" H  N N 29  
DA  "H2'"  H  N N 30  
DA  "H2''" H  N N 31  
DA  "H1'"  H  N N 32  
DA  H8     H  N N 33  
DA  H61    H  N N 34  
DA  H62    H  N N 35  
DA  H2     H  N N 36  
DC  OP3    O  N N 37  
DC  P      P  N N 38  
DC  OP1    O  N N 39  
DC  OP2    O  N N 40  
DC  "O5'"  O  N N 41  
DC  "C5'"  C  N N 42  
DC  "C4'"  C  N R 43  
DC  "O4'"  O  N N 44  
DC  "C3'"  C  N S 45  
DC  "O3'"  O  N N 46  
DC  "C2'"  C  N N 47  
DC  "C1'"  C  N R 48  
DC  N1     N  N N 49  
DC  C2     C  N N 50  
DC  O2     O  N N 51  
DC  N3     N  N N 52  
DC  C4     C  N N 53  
DC  N4     N  N N 54  
DC  C5     C  N N 55  
DC  C6     C  N N 56  
DC  HOP3   H  N N 57  
DC  HOP2   H  N N 58  
DC  "H5'"  H  N N 59  
DC  "H5''" H  N N 60  
DC  "H4'"  H  N N 61  
DC  "H3'"  H  N N 62  
DC  "HO3'" H  N N 63  
DC  "H2'"  H  N N 64  
DC  "H2''" H  N N 65  
DC  "H1'"  H  N N 66  
DC  H41    H  N N 67  
DC  H42    H  N N 68  
DC  H5     H  N N 69  
DC  H6     H  N N 70  
DG  OP3    O  N N 71  
DG  P      P  N N 72  
DG  OP1    O  N N 73  
DG  OP2    O  N N 74  
DG  "O5'"  O  N N 75  
DG  "C5'"  C  N N 76  
DG  "C4'"  C  N R 77  
DG  "O4'"  O  N N 78  
DG  "C3'"  C  N S 79  
DG  "O3'"  O  N N 80  
DG  "C2'"  C  N N 81  
DG  "C1'"  C  N R 82  
DG  N9     N  Y N 83  
DG  C8     C  Y N 84  
DG  N7     N  Y N 85  
DG  C5     C  Y N 86  
DG  C6     C  N N 87  
DG  O6     O  N N 88  
DG  N1     N  N N 89  
DG  C2     C  N N 90  
DG  N2     N  N N 91  
DG  N3     N  N N 92  
DG  C4     C  Y N 93  
DG  HOP3   H  N N 94  
DG  HOP2   H  N N 95  
DG  "H5'"  H  N N 96  
DG  "H5''" H  N N 97  
DG  "H4'"  H  N N 98  
DG  "H3'"  H  N N 99  
DG  "HO3'" H  N N 100 
DG  "H2'"  H  N N 101 
DG  "H2''" H  N N 102 
DG  "H1'"  H  N N 103 
DG  H8     H  N N 104 
DG  H1     H  N N 105 
DG  H21    H  N N 106 
DG  H22    H  N N 107 
DT  OP3    O  N N 108 
DT  P      P  N N 109 
DT  OP1    O  N N 110 
DT  OP2    O  N N 111 
DT  "O5'"  O  N N 112 
DT  "C5'"  C  N N 113 
DT  "C4'"  C  N R 114 
DT  "O4'"  O  N N 115 
DT  "C3'"  C  N S 116 
DT  "O3'"  O  N N 117 
DT  "C2'"  C  N N 118 
DT  "C1'"  C  N R 119 
DT  N1     N  N N 120 
DT  C2     C  N N 121 
DT  O2     O  N N 122 
DT  N3     N  N N 123 
DT  C4     C  N N 124 
DT  O4     O  N N 125 
DT  C5     C  N N 126 
DT  C7     C  N N 127 
DT  C6     C  N N 128 
DT  HOP3   H  N N 129 
DT  HOP2   H  N N 130 
DT  "H5'"  H  N N 131 
DT  "H5''" H  N N 132 
DT  "H4'"  H  N N 133 
DT  "H3'"  H  N N 134 
DT  "HO3'" H  N N 135 
DT  "H2'"  H  N N 136 
DT  "H2''" H  N N 137 
DT  "H1'"  H  N N 138 
DT  H3     H  N N 139 
DT  H71    H  N N 140 
DT  H72    H  N N 141 
DT  H73    H  N N 142 
DT  H6     H  N N 143 
HOH O      O  N N 144 
HOH H1     H  N N 145 
HOH H2     H  N N 146 
MG  MG     MG N N 147 
# 
loop_
_chem_comp_bond.comp_id 
_chem_comp_bond.atom_id_1 
_chem_comp_bond.atom_id_2 
_chem_comp_bond.value_order 
_chem_comp_bond.pdbx_aromatic_flag 
_chem_comp_bond.pdbx_stereo_config 
_chem_comp_bond.pdbx_ordinal 
DA  OP3   P      sing N N 1   
DA  OP3   HOP3   sing N N 2   
DA  P     OP1    doub N N 3   
DA  P     OP2    sing N N 4   
DA  P     "O5'"  sing N N 5   
DA  OP2   HOP2   sing N N 6   
DA  "O5'" "C5'"  sing N N 7   
DA  "C5'" "C4'"  sing N N 8   
DA  "C5'" "H5'"  sing N N 9   
DA  "C5'" "H5''" sing N N 10  
DA  "C4'" "O4'"  sing N N 11  
DA  "C4'" "C3'"  sing N N 12  
DA  "C4'" "H4'"  sing N N 13  
DA  "O4'" "C1'"  sing N N 14  
DA  "C3'" "O3'"  sing N N 15  
DA  "C3'" "C2'"  sing N N 16  
DA  "C3'" "H3'"  sing N N 17  
DA  "O3'" "HO3'" sing N N 18  
DA  "C2'" "C1'"  sing N N 19  
DA  "C2'" "H2'"  sing N N 20  
DA  "C2'" "H2''" sing N N 21  
DA  "C1'" N9     sing N N 22  
DA  "C1'" "H1'"  sing N N 23  
DA  N9    C8     sing Y N 24  
DA  N9    C4     sing Y N 25  
DA  C8    N7     doub Y N 26  
DA  C8    H8     sing N N 27  
DA  N7    C5     sing Y N 28  
DA  C5    C6     sing Y N 29  
DA  C5    C4     doub Y N 30  
DA  C6    N6     sing N N 31  
DA  C6    N1     doub Y N 32  
DA  N6    H61    sing N N 33  
DA  N6    H62    sing N N 34  
DA  N1    C2     sing Y N 35  
DA  C2    N3     doub Y N 36  
DA  C2    H2     sing N N 37  
DA  N3    C4     sing Y N 38  
DC  OP3   P      sing N N 39  
DC  OP3   HOP3   sing N N 40  
DC  P     OP1    doub N N 41  
DC  P     OP2    sing N N 42  
DC  P     "O5'"  sing N N 43  
DC  OP2   HOP2   sing N N 44  
DC  "O5'" "C5'"  sing N N 45  
DC  "C5'" "C4'"  sing N N 46  
DC  "C5'" "H5'"  sing N N 47  
DC  "C5'" "H5''" sing N N 48  
DC  "C4'" "O4'"  sing N N 49  
DC  "C4'" "C3'"  sing N N 50  
DC  "C4'" "H4'"  sing N N 51  
DC  "O4'" "C1'"  sing N N 52  
DC  "C3'" "O3'"  sing N N 53  
DC  "C3'" "C2'"  sing N N 54  
DC  "C3'" "H3'"  sing N N 55  
DC  "O3'" "HO3'" sing N N 56  
DC  "C2'" "C1'"  sing N N 57  
DC  "C2'" "H2'"  sing N N 58  
DC  "C2'" "H2''" sing N N 59  
DC  "C1'" N1     sing N N 60  
DC  "C1'" "H1'"  sing N N 61  
DC  N1    C2     sing N N 62  
DC  N1    C6     sing N N 63  
DC  C2    O2     doub N N 64  
DC  C2    N3     sing N N 65  
DC  N3    C4     doub N N 66  
DC  C4    N4     sing N N 67  
DC  C4    C5     sing N N 68  
DC  N4    H41    sing N N 69  
DC  N4    H42    sing N N 70  
DC  C5    C6     doub N N 71  
DC  C5    H5     sing N N 72  
DC  C6    H6     sing N N 73  
DG  OP3   P      sing N N 74  
DG  OP3   HOP3   sing N N 75  
DG  P     OP1    doub N N 76  
DG  P     OP2    sing N N 77  
DG  P     "O5'"  sing N N 78  
DG  OP2   HOP2   sing N N 79  
DG  "O5'" "C5'"  sing N N 80  
DG  "C5'" "C4'"  sing N N 81  
DG  "C5'" "H5'"  sing N N 82  
DG  "C5'" "H5''" sing N N 83  
DG  "C4'" "O4'"  sing N N 84  
DG  "C4'" "C3'"  sing N N 85  
DG  "C4'" "H4'"  sing N N 86  
DG  "O4'" "C1'"  sing N N 87  
DG  "C3'" "O3'"  sing N N 88  
DG  "C3'" "C2'"  sing N N 89  
DG  "C3'" "H3'"  sing N N 90  
DG  "O3'" "HO3'" sing N N 91  
DG  "C2'" "C1'"  sing N N 92  
DG  "C2'" "H2'"  sing N N 93  
DG  "C2'" "H2''" sing N N 94  
DG  "C1'" N9     sing N N 95  
DG  "C1'" "H1'"  sing N N 96  
DG  N9    C8     sing Y N 97  
DG  N9    C4     sing Y N 98  
DG  C8    N7     doub Y N 99  
DG  C8    H8     sing N N 100 
DG  N7    C5     sing Y N 101 
DG  C5    C6     sing N N 102 
DG  C5    C4     doub Y N 103 
DG  C6    O6     doub N N 104 
DG  C6    N1     sing N N 105 
DG  N1    C2     sing N N 106 
DG  N1    H1     sing N N 107 
DG  C2    N2     sing N N 108 
DG  C2    N3     doub N N 109 
DG  N2    H21    sing N N 110 
DG  N2    H22    sing N N 111 
DG  N3    C4     sing N N 112 
DT  OP3   P      sing N N 113 
DT  OP3   HOP3   sing N N 114 
DT  P     OP1    doub N N 115 
DT  P     OP2    sing N N 116 
DT  P     "O5'"  sing N N 117 
DT  OP2   HOP2   sing N N 118 
DT  "O5'" "C5'"  sing N N 119 
DT  "C5'" "C4'"  sing N N 120 
DT  "C5'" "H5'"  sing N N 121 
DT  "C5'" "H5''" sing N N 122 
DT  "C4'" "O4'"  sing N N 123 
DT  "C4'" "C3'"  sing N N 124 
DT  "C4'" "H4'"  sing N N 125 
DT  "O4'" "C1'"  sing N N 126 
DT  "C3'" "O3'"  sing N N 127 
DT  "C3'" "C2'"  sing N N 128 
DT  "C3'" "H3'"  sing N N 129 
DT  "O3'" "HO3'" sing N N 130 
DT  "C2'" "C1'"  sing N N 131 
DT  "C2'" "H2'"  sing N N 132 
DT  "C2'" "H2''" sing N N 133 
DT  "C1'" N1     sing N N 134 
DT  "C1'" "H1'"  sing N N 135 
DT  N1    C2     sing N N 136 
DT  N1    C6     sing N N 137 
DT  C2    O2     doub N N 138 
DT  C2    N3     sing N N 139 
DT  N3    C4     sing N N 140 
DT  N3    H3     sing N N 141 
DT  C4    O4     doub N N 142 
DT  C4    C5     sing N N 143 
DT  C5    C7     sing N N 144 
DT  C5    C6     doub N N 145 
DT  C7    H71    sing N N 146 
DT  C7    H72    sing N N 147 
DT  C7    H73    sing N N 148 
DT  C6    H6     sing N N 149 
HOH O     H1     sing N N 150 
HOH O     H2     sing N N 151 
# 
loop_
_ndb_struct_conf_na.entry_id 
_ndb_struct_conf_na.feature 
1D23 'double helix'        
1D23 'b-form double helix' 
# 
loop_
_ndb_struct_na_base_pair.model_number 
_ndb_struct_na_base_pair.i_label_asym_id 
_ndb_struct_na_base_pair.i_label_comp_id 
_ndb_struct_na_base_pair.i_label_seq_id 
_ndb_struct_na_base_pair.i_symmetry 
_ndb_struct_na_base_pair.j_label_asym_id 
_ndb_struct_na_base_pair.j_label_comp_id 
_ndb_struct_na_base_pair.j_label_seq_id 
_ndb_struct_na_base_pair.j_symmetry 
_ndb_struct_na_base_pair.shear 
_ndb_struct_na_base_pair.stretch 
_ndb_struct_na_base_pair.stagger 
_ndb_struct_na_base_pair.buckle 
_ndb_struct_na_base_pair.propeller 
_ndb_struct_na_base_pair.opening 
_ndb_struct_na_base_pair.pair_number 
_ndb_struct_na_base_pair.pair_name 
_ndb_struct_na_base_pair.i_auth_asym_id 
_ndb_struct_na_base_pair.i_auth_seq_id 
_ndb_struct_na_base_pair.i_PDB_ins_code 
_ndb_struct_na_base_pair.j_auth_asym_id 
_ndb_struct_na_base_pair.j_auth_seq_id 
_ndb_struct_na_base_pair.j_PDB_ins_code 
_ndb_struct_na_base_pair.hbond_type_28 
_ndb_struct_na_base_pair.hbond_type_12 
1 A DC 1  1_555 B DG 10 1_555 0.144  -0.190 -0.082 8.439  1.032   0.963  1  A_DC1:DG20_B  A 1  ? B 20 ? 19 1 
1 A DG 2  1_555 B DC 9  1_555 -0.114 -0.107 0.283  14.490 -14.408 -1.998 2  A_DG2:DC19_B  A 2  ? B 19 ? 19 1 
1 A DA 3  1_555 B DT 8  1_555 0.023  -0.099 0.002  -2.184 -10.611 0.047  3  A_DA3:DT18_B  A 3  ? B 18 ? 20 1 
1 A DT 4  1_555 B DA 7  1_555 0.015  -0.184 0.220  4.165  -13.706 1.029  4  A_DT4:DA17_B  A 4  ? B 17 ? 20 1 
1 A DC 5  1_555 B DG 6  1_555 0.138  -0.215 0.070  -4.763 -17.390 -0.401 5  A_DC5:DG16_B  A 5  ? B 16 ? 19 1 
1 A DG 6  1_555 B DC 5  1_555 0.007  -0.153 -0.001 0.101  -10.087 -3.820 6  A_DG6:DC15_B  A 6  ? B 15 ? 19 1 
1 A DA 7  1_555 B DT 4  1_555 0.022  -0.107 0.034  -2.183 -11.877 -1.529 7  A_DA7:DT14_B  A 7  ? B 14 ? 20 1 
1 A DT 8  1_555 B DA 3  1_555 -0.099 -0.140 0.182  4.109  -15.567 1.142  8  A_DT8:DA13_B  A 8  ? B 13 ? 20 1 
1 A DC 9  1_555 B DG 2  1_555 0.164  -0.155 0.110  -8.726 -15.066 -1.712 9  A_DC9:DG12_B  A 9  ? B 12 ? 19 1 
1 A DG 10 1_555 B DC 1  1_555 0.082  -0.178 -0.060 -6.393 -3.826  -2.791 10 A_DG10:DC11_B A 10 ? B 11 ? 19 1 
# 
loop_
_ndb_struct_na_base_pair_step.model_number 
_ndb_struct_na_base_pair_step.i_label_asym_id_1 
_ndb_struct_na_base_pair_step.i_label_comp_id_1 
_ndb_struct_na_base_pair_step.i_label_seq_id_1 
_ndb_struct_na_base_pair_step.i_symmetry_1 
_ndb_struct_na_base_pair_step.j_label_asym_id_1 
_ndb_struct_na_base_pair_step.j_label_comp_id_1 
_ndb_struct_na_base_pair_step.j_label_seq_id_1 
_ndb_struct_na_base_pair_step.j_symmetry_1 
_ndb_struct_na_base_pair_step.i_label_asym_id_2 
_ndb_struct_na_base_pair_step.i_label_comp_id_2 
_ndb_struct_na_base_pair_step.i_label_seq_id_2 
_ndb_struct_na_base_pair_step.i_symmetry_2 
_ndb_struct_na_base_pair_step.j_label_asym_id_2 
_ndb_struct_na_base_pair_step.j_label_comp_id_2 
_ndb_struct_na_base_pair_step.j_label_seq_id_2 
_ndb_struct_na_base_pair_step.j_symmetry_2 
_ndb_struct_na_base_pair_step.shift 
_ndb_struct_na_base_pair_step.slide 
_ndb_struct_na_base_pair_step.rise 
_ndb_struct_na_base_pair_step.tilt 
_ndb_struct_na_base_pair_step.roll 
_ndb_struct_na_base_pair_step.twist 
_ndb_struct_na_base_pair_step.x_displacement 
_ndb_struct_na_base_pair_step.y_displacement 
_ndb_struct_na_base_pair_step.helical_rise 
_ndb_struct_na_base_pair_step.inclination 
_ndb_struct_na_base_pair_step.tip 
_ndb_struct_na_base_pair_step.helical_twist 
_ndb_struct_na_base_pair_step.step_number 
_ndb_struct_na_base_pair_step.step_name 
_ndb_struct_na_base_pair_step.i_auth_asym_id_1 
_ndb_struct_na_base_pair_step.i_auth_seq_id_1 
_ndb_struct_na_base_pair_step.i_PDB_ins_code_1 
_ndb_struct_na_base_pair_step.j_auth_asym_id_1 
_ndb_struct_na_base_pair_step.j_auth_seq_id_1 
_ndb_struct_na_base_pair_step.j_PDB_ins_code_1 
_ndb_struct_na_base_pair_step.i_auth_asym_id_2 
_ndb_struct_na_base_pair_step.i_auth_seq_id_2 
_ndb_struct_na_base_pair_step.i_PDB_ins_code_2 
_ndb_struct_na_base_pair_step.j_auth_asym_id_2 
_ndb_struct_na_base_pair_step.j_auth_seq_id_2 
_ndb_struct_na_base_pair_step.j_PDB_ins_code_2 
1 A DC 1 1_555 B DG 10 1_555 A DG 2  1_555 B DC 9 1_555 -0.501 0.862  3.277 -1.079 0.136  37.748 1.315  0.635  3.293 0.210  1.667  
37.763 1 AA_DC1DG2:DC19DG20_BB  A 1 ? B 20 ? A 2  ? B 19 ? 
1 A DG 2 1_555 B DC 9  1_555 A DA 3  1_555 B DT 8 1_555 0.202  -0.386 3.664 0.565  -1.109 42.494 -0.406 -0.214 3.674 -1.529 -0.779 
42.511 2 AA_DG2DA3:DT18DC19_BB  A 2 ? B 19 ? A 3  ? B 18 ? 
1 A DA 3 1_555 B DT 8  1_555 A DT 4  1_555 B DA 7 1_555 0.362  -0.646 3.129 -2.774 0.121  33.090 -1.150 -1.076 3.087 0.212  4.859  
33.203 3 AA_DA3DT4:DA17DT18_BB  A 3 ? B 18 ? A 4  ? B 17 ? 
1 A DT 4 1_555 B DA 7  1_555 A DC 5  1_555 B DG 6 1_555 -0.027 -0.106 3.345 2.581  -4.423 40.222 0.352  0.334  3.329 -6.399 -3.734 
40.534 4 AA_DT4DC5:DG16DA17_BB  A 4 ? B 17 ? A 5  ? B 16 ? 
1 A DC 5 1_555 B DG 6  1_555 A DG 6  1_555 B DC 5 1_555 -0.211 0.550  3.338 0.859  10.964 27.382 -1.385 0.608  3.301 22.065 -1.728 
29.469 5 AA_DC5DG6:DC15DG16_BB  A 5 ? B 16 ? A 6  ? B 15 ? 
1 A DG 6 1_555 B DC 5  1_555 A DA 7  1_555 B DT 4 1_555 -0.472 0.541  3.333 -3.752 -1.741 39.932 0.991  0.251  3.336 -2.541 5.477  
40.137 6 AA_DG6DA7:DT14DC15_BB  A 6 ? B 15 ? A 7  ? B 14 ? 
1 A DA 7 1_555 B DT 4  1_555 A DT 8  1_555 B DA 3 1_555 -0.042 -0.387 3.195 -0.065 -3.940 33.282 -0.034 0.062  3.218 -6.848 0.114  
33.508 7 AA_DA7DT8:DA13DT14_BB  A 7 ? B 14 ? A 8  ? B 13 ? 
1 A DT 8 1_555 B DA 3  1_555 A DC 9  1_555 B DG 2 1_555 -0.147 0.004  3.528 0.485  -2.680 44.090 0.276  0.245  3.520 -3.566 -0.645 
44.170 8 AA_DT8DC9:DG12DA13_BB  A 8 ? B 13 ? A 9  ? B 12 ? 
1 A DC 9 1_555 B DG 2  1_555 A DG 10 1_555 B DC 1 1_555 0.775  1.216  3.349 1.350  3.135  35.833 1.502  -1.053 3.466 5.081  -2.188 
35.990 9 AA_DC9DG10:DC11DG12_BB A 9 ? B 12 ? A 10 ? B 11 ? 
# 
_atom_sites.entry_id                    1D23 
_atom_sites.fract_transf_matrix[1][1]   -0.01487967 
_atom_sites.fract_transf_matrix[1][2]   -0.00415545 
_atom_sites.fract_transf_matrix[1][3]   0.02052193 
_atom_sites.fract_transf_matrix[2][1]   0.01112883 
_atom_sites.fract_transf_matrix[2][2]   0.01922881 
_atom_sites.fract_transf_matrix[2][3]   0.01196270 
_atom_sites.fract_transf_matrix[3][1]   -0.02058598 
_atom_sites.fract_transf_matrix[3][2]   0.01882834 
_atom_sites.fract_transf_matrix[3][3]   -0.01111360 
_atom_sites.fract_transf_vector[1]      0.250673 
_atom_sites.fract_transf_vector[2]      0.240893 
_atom_sites.fract_transf_vector[3]      0.168654 
# 
loop_
_atom_type.symbol 
C  
MG 
N  
O  
P  
# 
loop_
_atom_site.group_PDB 
_atom_site.id 
_atom_site.type_symbol 
_atom_site.label_atom_id 
_atom_site.label_alt_id 
_atom_site.label_comp_id 
_atom_site.label_asym_id 
_atom_site.label_entity_id 
_atom_site.label_seq_id 
_atom_site.pdbx_PDB_ins_code 
_atom_site.Cartn_x 
_atom_site.Cartn_y 
_atom_site.Cartn_z 
_atom_site.occupancy 
_atom_site.B_iso_or_equiv 
_atom_site.pdbx_formal_charge 
_atom_site.auth_seq_id 
_atom_site.auth_comp_id 
_atom_site.auth_asym_id 
_atom_site.auth_atom_id 
_atom_site.pdbx_PDB_model_num 
ATOM   1   O  "O5'" . DC  A 1 1  ? 17.621  -2.559  5.627   1.00 44.63 ? 1   DC  A "O5'" 1 
ATOM   2   C  "C5'" . DC  A 1 1  ? 16.800  -3.665  6.120   1.00 40.25 ? 1   DC  A "C5'" 1 
ATOM   3   C  "C4'" . DC  A 1 1  ? 15.835  -4.017  5.017   1.00 29.77 ? 1   DC  A "C4'" 1 
ATOM   4   O  "O4'" . DC  A 1 1  ? 14.962  -5.050  5.441   1.00 24.90 ? 1   DC  A "O4'" 1 
ATOM   5   C  "C3'" . DC  A 1 1  ? 14.941  -2.864  4.548   1.00 24.30 ? 1   DC  A "C3'" 1 
ATOM   6   O  "O3'" . DC  A 1 1  ? 14.905  -2.789  3.124   1.00 28.83 ? 1   DC  A "O3'" 1 
ATOM   7   C  "C2'" . DC  A 1 1  ? 13.590  -3.206  5.166   1.00 21.38 ? 1   DC  A "C2'" 1 
ATOM   8   C  "C1'" . DC  A 1 1  ? 13.619  -4.725  5.040   1.00 17.14 ? 1   DC  A "C1'" 1 
ATOM   9   N  N1    . DC  A 1 1  ? 12.632  -5.394  5.880   1.00 15.57 ? 1   DC  A N1    1 
ATOM   10  C  C2    . DC  A 1 1  ? 12.055  -6.554  5.407   1.00 11.42 ? 1   DC  A C2    1 
ATOM   11  O  O2    . DC  A 1 1  ? 12.381  -6.987  4.294   1.00 17.42 ? 1   DC  A O2    1 
ATOM   12  N  N3    . DC  A 1 1  ? 11.143  -7.206  6.182   1.00 9.03  ? 1   DC  A N3    1 
ATOM   13  C  C4    . DC  A 1 1  ? 10.772  -6.752  7.395   1.00 9.03  ? 1   DC  A C4    1 
ATOM   14  N  N4    . DC  A 1 1  ? 9.878   -7.377  8.136   1.00 12.38 ? 1   DC  A N4    1 
ATOM   15  C  C5    . DC  A 1 1  ? 11.387  -5.539  7.906   1.00 8.15  ? 1   DC  A C5    1 
ATOM   16  C  C6    . DC  A 1 1  ? 12.262  -4.928  7.130   1.00 10.37 ? 1   DC  A C6    1 
ATOM   17  P  P     . DG  A 1 2  ? 15.154  -1.501  2.207   1.00 19.98 ? 2   DG  A P     1 
ATOM   18  O  OP1   . DG  A 1 2  ? 16.590  -1.306  2.298   1.00 19.31 ? 2   DG  A OP1   1 
ATOM   19  O  OP2   . DG  A 1 2  ? 14.239  -0.368  2.484   1.00 23.21 ? 2   DG  A OP2   1 
ATOM   20  O  "O5'" . DG  A 1 2  ? 14.594  -2.076  0.777   1.00 18.43 ? 2   DG  A "O5'" 1 
ATOM   21  C  "C5'" . DG  A 1 2  ? 15.272  -3.271  0.330   1.00 14.56 ? 2   DG  A "C5'" 1 
ATOM   22  C  "C4'" . DG  A 1 2  ? 14.328  -4.114  -0.447  1.00 14.45 ? 2   DG  A "C4'" 1 
ATOM   23  O  "O4'" . DG  A 1 2  ? 13.394  -4.759  0.407   1.00 16.08 ? 2   DG  A "O4'" 1 
ATOM   24  C  "C3'" . DG  A 1 2  ? 13.467  -3.403  -1.517  1.00 12.74 ? 2   DG  A "C3'" 1 
ATOM   25  O  "O3'" . DG  A 1 2  ? 13.241  -4.286  -2.595  1.00 8.38  ? 2   DG  A "O3'" 1 
ATOM   26  C  "C2'" . DG  A 1 2  ? 12.193  -3.067  -0.711  1.00 12.26 ? 2   DG  A "C2'" 1 
ATOM   27  C  "C1'" . DG  A 1 2  ? 12.041  -4.321  0.084   1.00 13.05 ? 2   DG  A "C1'" 1 
ATOM   28  N  N9    . DG  A 1 2  ? 11.311  -4.168  1.351   1.00 9.85  ? 2   DG  A N9    1 
ATOM   29  C  C8    . DG  A 1 2  ? 11.375  -3.187  2.283   1.00 11.00 ? 2   DG  A C8    1 
ATOM   30  N  N7    . DG  A 1 2  ? 10.597  -3.378  3.321   1.00 8.65  ? 2   DG  A N7    1 
ATOM   31  C  C5    . DG  A 1 2  ? 10.006  -4.602  3.079   1.00 10.94 ? 2   DG  A C5    1 
ATOM   32  C  C6    . DG  A 1 2  ? 9.069   -5.358  3.830   1.00 10.04 ? 2   DG  A C6    1 
ATOM   33  O  O6    . DG  A 1 2  ? 8.574   -5.104  4.926   1.00 10.47 ? 2   DG  A O6    1 
ATOM   34  N  N1    . DG  A 1 2  ? 8.697   -6.558  3.244   1.00 10.59 ? 2   DG  A N1    1 
ATOM   35  C  C2    . DG  A 1 2  ? 9.208   -6.964  2.042   1.00 12.30 ? 2   DG  A C2    1 
ATOM   36  N  N2    . DG  A 1 2  ? 8.744   -8.136  1.609   1.00 10.93 ? 2   DG  A N2    1 
ATOM   37  N  N3    . DG  A 1 2  ? 10.072  -6.275  1.293   1.00 6.79  ? 2   DG  A N3    1 
ATOM   38  C  C4    . DG  A 1 2  ? 10.436  -5.122  1.877   1.00 8.36  ? 2   DG  A C4    1 
ATOM   39  P  P     . DA  A 1 3  ? 12.343  -3.977  -3.871  1.00 10.92 ? 3   DA  A P     1 
ATOM   40  O  OP1   . DA  A 1 3  ? 13.175  -4.690  -4.909  1.00 7.75  ? 3   DA  A OP1   1 
ATOM   41  O  OP2   . DA  A 1 3  ? 11.990  -2.562  -3.952  1.00 9.25  ? 3   DA  A OP2   1 
ATOM   42  O  "O5'" . DA  A 1 3  ? 11.021  -4.898  -3.666  1.00 10.56 ? 3   DA  A "O5'" 1 
ATOM   43  C  "C5'" . DA  A 1 3  ? 11.082  -6.324  -3.721  1.00 10.19 ? 3   DA  A "C5'" 1 
ATOM   44  C  "C4'" . DA  A 1 3  ? 9.662   -6.841  -3.451  1.00 9.22  ? 3   DA  A "C4'" 1 
ATOM   45  O  "O4'" . DA  A 1 3  ? 9.253   -6.477  -2.159  1.00 11.85 ? 3   DA  A "O4'" 1 
ATOM   46  C  "C3'" . DA  A 1 3  ? 8.600   -6.284  -4.410  1.00 9.60  ? 3   DA  A "C3'" 1 
ATOM   47  O  "O3'" . DA  A 1 3  ? 7.847   -7.350  -4.938  1.00 10.78 ? 3   DA  A "O3'" 1 
ATOM   48  C  "C2'" . DA  A 1 3  ? 7.804   -5.314  -3.559  1.00 5.38  ? 3   DA  A "C2'" 1 
ATOM   49  C  "C1'" . DA  A 1 3  ? 7.861   -5.976  -2.204  1.00 9.36  ? 3   DA  A "C1'" 1 
ATOM   50  N  N9    . DA  A 1 3  ? 7.717   -5.081  -1.069  1.00 10.52 ? 3   DA  A N9    1 
ATOM   51  C  C8    . DA  A 1 3  ? 8.457   -3.900  -0.888  1.00 8.90  ? 3   DA  A C8    1 
ATOM   52  N  N7    . DA  A 1 3  ? 8.211   -3.292  0.220   1.00 11.02 ? 3   DA  A N7    1 
ATOM   53  C  C5    . DA  A 1 3  ? 7.224   -4.090  0.839   1.00 9.01  ? 3   DA  A C5    1 
ATOM   54  C  C6    . DA  A 1 3  ? 6.541   -3.926  2.058   1.00 8.53  ? 3   DA  A C6    1 
ATOM   55  N  N6    . DA  A 1 3  ? 6.728   -2.906  2.892   1.00 6.40  ? 3   DA  A N6    1 
ATOM   56  N  N1    . DA  A 1 3  ? 5.639   -4.919  2.343   1.00 9.13  ? 3   DA  A N1    1 
ATOM   57  C  C2    . DA  A 1 3  ? 5.432   -5.958  1.515   1.00 7.82  ? 3   DA  A C2    1 
ATOM   58  N  N3    . DA  A 1 3  ? 6.048   -6.160  0.337   1.00 13.22 ? 3   DA  A N3    1 
ATOM   59  C  C4    . DA  A 1 3  ? 6.936   -5.187  0.063   1.00 11.35 ? 3   DA  A C4    1 
ATOM   60  P  P     . DT  A 1 4  ? 6.643   -7.272  -5.967  1.00 10.08 ? 4   DT  A P     1 
ATOM   61  O  OP1   . DT  A 1 4  ? 6.652   -8.609  -6.577  1.00 11.73 ? 4   DT  A OP1   1 
ATOM   62  O  OP2   . DT  A 1 4  ? 6.698   -5.991  -6.715  1.00 9.97  ? 4   DT  A OP2   1 
ATOM   63  O  "O5'" . DT  A 1 4  ? 5.390   -7.112  -4.942  1.00 8.41  ? 4   DT  A "O5'" 1 
ATOM   64  C  "C5'" . DT  A 1 4  ? 5.104   -8.263  -4.130  1.00 9.56  ? 4   DT  A "C5'" 1 
ATOM   65  C  "C4'" . DT  A 1 4  ? 3.916   -7.845  -3.211  1.00 8.58  ? 4   DT  A "C4'" 1 
ATOM   66  O  "O4'" . DT  A 1 4  ? 4.333   -6.804  -2.381  1.00 8.15  ? 4   DT  A "O4'" 1 
ATOM   67  C  "C3'" . DT  A 1 4  ? 2.702   -7.358  -3.959  1.00 13.96 ? 4   DT  A "C3'" 1 
ATOM   68  O  "O3'" . DT  A 1 4  ? 1.651   -8.354  -3.816  1.00 21.02 ? 4   DT  A "O3'" 1 
ATOM   69  C  "C2'" . DT  A 1 4  ? 2.373   -6.002  -3.367  1.00 13.61 ? 4   DT  A "C2'" 1 
ATOM   70  C  "C1'" . DT  A 1 4  ? 3.112   -5.979  -2.086  1.00 7.57  ? 4   DT  A "C1'" 1 
ATOM   71  N  N1    . DT  A 1 4  ? 3.601   -4.702  -1.575  1.00 9.67  ? 4   DT  A N1    1 
ATOM   72  C  C2    . DT  A 1 4  ? 3.203   -4.309  -0.298  1.00 5.77  ? 4   DT  A C2    1 
ATOM   73  O  O2    . DT  A 1 4  ? 2.391   -4.993  0.334   1.00 6.17  ? 4   DT  A O2    1 
ATOM   74  N  N3    . DT  A 1 4  ? 3.683   -3.164  0.213   1.00 5.50  ? 4   DT  A N3    1 
ATOM   75  C  C4    . DT  A 1 4  ? 4.585   -2.370  -0.464  1.00 6.31  ? 4   DT  A C4    1 
ATOM   76  O  O4    . DT  A 1 4  ? 4.965   -1.327  0.097   1.00 7.62  ? 4   DT  A O4    1 
ATOM   77  C  C5    . DT  A 1 4  ? 5.019   -2.795  -1.764  1.00 8.06  ? 4   DT  A C5    1 
ATOM   78  C  C7    . DT  A 1 4  ? 5.997   -1.931  -2.533  1.00 10.93 ? 4   DT  A C7    1 
ATOM   79  C  C6    . DT  A 1 4  ? 4.503   -3.917  -2.258  1.00 7.21  ? 4   DT  A C6    1 
ATOM   80  P  P     . DC  A 1 5  ? 0.256   -8.178  -4.598  1.00 15.57 ? 5   DC  A P     1 
ATOM   81  O  OP1   . DC  A 1 5  ? -0.061  -9.551  -5.013  1.00 18.20 ? 5   DC  A OP1   1 
ATOM   82  O  OP2   . DC  A 1 5  ? 0.198   -7.061  -5.568  1.00 14.35 ? 5   DC  A OP2   1 
ATOM   83  O  "O5'" . DC  A 1 5  ? -0.580  -7.710  -3.326  1.00 14.19 ? 5   DC  A "O5'" 1 
ATOM   84  C  "C5'" . DC  A 1 5  ? -0.641  -8.486  -2.114  1.00 11.57 ? 5   DC  A "C5'" 1 
ATOM   85  C  "C4'" . DC  A 1 5  ? -1.323  -7.539  -1.120  1.00 6.48  ? 5   DC  A "C4'" 1 
ATOM   86  O  "O4'" . DC  A 1 5  ? -0.501  -6.422  -0.913  1.00 10.45 ? 5   DC  A "O4'" 1 
ATOM   87  C  "C3'" . DC  A 1 5  ? -2.668  -6.988  -1.574  1.00 9.11  ? 5   DC  A "C3'" 1 
ATOM   88  O  "O3'" . DC  A 1 5  ? -3.743  -7.634  -0.857  1.00 13.19 ? 5   DC  A "O3'" 1 
ATOM   89  C  "C2'" . DC  A 1 5  ? -2.585  -5.494  -1.338  1.00 9.89  ? 5   DC  A "C2'" 1 
ATOM   90  C  "C1'" . DC  A 1 5  ? -1.344  -5.285  -0.537  1.00 7.31  ? 5   DC  A "C1'" 1 
ATOM   91  N  N1    . DC  A 1 5  ? -0.576  -4.077  -0.868  1.00 5.41  ? 5   DC  A N1    1 
ATOM   92  C  C2    . DC  A 1 5  ? -0.383  -3.129  0.128   1.00 11.51 ? 5   DC  A C2    1 
ATOM   93  O  O2    . DC  A 1 5  ? -0.881  -3.238  1.261   1.00 10.43 ? 5   DC  A O2    1 
ATOM   94  N  N3    . DC  A 1 5  ? 0.375   -2.024  -0.195  1.00 9.06  ? 5   DC  A N3    1 
ATOM   95  C  C4    . DC  A 1 5  ? 0.930   -1.856  -1.416  1.00 4.03  ? 5   DC  A C4    1 
ATOM   96  N  N4    . DC  A 1 5  ? 1.677   -0.777  -1.664  1.00 5.57  ? 5   DC  A N4    1 
ATOM   97  C  C5    . DC  A 1 5  ? 0.722   -2.842  -2.423  1.00 10.11 ? 5   DC  A C5    1 
ATOM   98  C  C6    . DC  A 1 5  ? -0.013  -3.904  -2.096  1.00 11.82 ? 5   DC  A C6    1 
ATOM   99  P  P     . DG  A 1 6  ? -5.289  -7.572  -1.273  1.00 12.49 ? 6   DG  A P     1 
ATOM   100 O  OP1   . DG  A 1 6  ? -5.995  -8.680  -0.573  1.00 14.52 ? 6   DG  A OP1   1 
ATOM   101 O  OP2   . DG  A 1 6  ? -5.472  -7.467  -2.725  1.00 12.98 ? 6   DG  A OP2   1 
ATOM   102 O  "O5'" . DG  A 1 6  ? -5.813  -6.161  -0.671  1.00 15.70 ? 6   DG  A "O5'" 1 
ATOM   103 C  "C5'" . DG  A 1 6  ? -5.890  -6.040  0.818   1.00 12.38 ? 6   DG  A "C5'" 1 
ATOM   104 C  "C4'" . DG  A 1 6  ? -6.348  -4.622  1.046   1.00 7.20  ? 6   DG  A "C4'" 1 
ATOM   105 O  "O4'" . DG  A 1 6  ? -5.283  -3.712  0.759   1.00 10.02 ? 6   DG  A "O4'" 1 
ATOM   106 C  "C3'" . DG  A 1 6  ? -7.514  -4.117  0.200   1.00 10.88 ? 6   DG  A "C3'" 1 
ATOM   107 O  "O3'" . DG  A 1 6  ? -8.273  -3.212  0.988   1.00 19.68 ? 6   DG  A "O3'" 1 
ATOM   108 C  "C2'" . DG  A 1 6  ? -6.811  -3.396  -0.962  1.00 11.48 ? 6   DG  A "C2'" 1 
ATOM   109 C  "C1'" . DG  A 1 6  ? -5.733  -2.679  -0.123  1.00 9.23  ? 6   DG  A "C1'" 1 
ATOM   110 N  N9    . DG  A 1 6  ? -4.655  -2.128  -0.901  1.00 11.59 ? 6   DG  A N9    1 
ATOM   111 C  C8    . DG  A 1 6  ? -4.144  -2.513  -2.129  1.00 16.55 ? 6   DG  A C8    1 
ATOM   112 N  N7    . DG  A 1 6  ? -3.159  -1.778  -2.546  1.00 15.06 ? 6   DG  A N7    1 
ATOM   113 C  C5    . DG  A 1 6  ? -2.970  -0.860  -1.538  1.00 11.74 ? 6   DG  A C5    1 
ATOM   114 C  C6    . DG  A 1 6  ? -2.048  0.220   -1.390  1.00 8.47  ? 6   DG  A C6    1 
ATOM   115 O  O6    . DG  A 1 6  ? -1.175  0.554   -2.195  1.00 8.29  ? 6   DG  A O6    1 
ATOM   116 N  N1    . DG  A 1 6  ? -2.194  0.941   -0.240  1.00 11.10 ? 6   DG  A N1    1 
ATOM   117 C  C2    . DG  A 1 6  ? -3.139  0.627   0.708   1.00 8.94  ? 6   DG  A C2    1 
ATOM   118 N  N2    . DG  A 1 6  ? -3.159  1.441   1.784   1.00 11.22 ? 6   DG  A N2    1 
ATOM   119 N  N3    . DG  A 1 6  ? -4.017  -0.357  0.632   1.00 9.26  ? 6   DG  A N3    1 
ATOM   120 C  C4    . DG  A 1 6  ? -3.870  -1.051  -0.518  1.00 8.50  ? 6   DG  A C4    1 
ATOM   121 P  P     . DA  A 1 7  ? -9.846  -3.049  1.030   1.00 15.29 ? 7   DA  A P     1 
ATOM   122 O  OP1   . DA  A 1 7  ? -10.455 -4.218  1.727   1.00 23.22 ? 7   DA  A OP1   1 
ATOM   123 O  OP2   . DA  A 1 7  ? -10.335 -2.760  -0.328  1.00 16.30 ? 7   DA  A OP2   1 
ATOM   124 O  "O5'" . DA  A 1 7  ? -9.920  -1.687  1.935   1.00 21.70 ? 7   DA  A "O5'" 1 
ATOM   125 C  "C5'" . DA  A 1 7  ? -9.281  -1.643  3.211   1.00 19.65 ? 7   DA  A "C5'" 1 
ATOM   126 C  "C4'" . DA  A 1 7  ? -8.953  -0.203  3.541   1.00 20.40 ? 7   DA  A "C4'" 1 
ATOM   127 O  "O4'" . DA  A 1 7  ? -7.811  0.233   2.829   1.00 13.04 ? 7   DA  A "O4'" 1 
ATOM   128 C  "C3'" . DA  A 1 7  ? -10.074 0.798   3.208   1.00 17.51 ? 7   DA  A "C3'" 1 
ATOM   129 O  "O3'" . DA  A 1 7  ? -10.228 1.786   4.213   1.00 22.97 ? 7   DA  A "O3'" 1 
ATOM   130 C  "C2'" . DA  A 1 7  ? -9.622  1.345   1.859   1.00 17.25 ? 7   DA  A "C2'" 1 
ATOM   131 C  "C1'" . DA  A 1 7  ? -8.109  1.357   2.003   1.00 12.79 ? 7   DA  A "C1'" 1 
ATOM   132 N  N9    . DA  A 1 7  ? -7.476  1.221   0.680   1.00 10.10 ? 7   DA  A N9    1 
ATOM   133 C  C8    . DA  A 1 7  ? -7.734  0.269   -0.284  1.00 15.10 ? 7   DA  A C8    1 
ATOM   134 N  N7    . DA  A 1 7  ? -6.993  0.380   -1.362  1.00 16.39 ? 7   DA  A N7    1 
ATOM   135 C  C5    . DA  A 1 7  ? -6.171  1.480   -1.074  1.00 12.57 ? 7   DA  A C5    1 
ATOM   136 C  C6    . DA  A 1 7  ? -5.139  2.099   -1.829  1.00 12.10 ? 7   DA  A C6    1 
ATOM   137 N  N6    . DA  A 1 7  ? -4.735  1.688   -3.031  1.00 10.25 ? 7   DA  A N6    1 
ATOM   138 N  N1    . DA  A 1 7  ? -4.542  3.154   -1.201  1.00 12.11 ? 7   DA  A N1    1 
ATOM   139 C  C2    . DA  A 1 7  ? -4.909  3.566   0.040   1.00 10.04 ? 7   DA  A C2    1 
ATOM   140 N  N3    . DA  A 1 7  ? -5.855  3.030   0.803   1.00 11.18 ? 7   DA  A N3    1 
ATOM   141 C  C4    . DA  A 1 7  ? -6.455  1.982   0.186   1.00 11.16 ? 7   DA  A C4    1 
ATOM   142 P  P     . DT  A 1 8  ? -11.333 2.963   4.269   1.00 24.25 ? 8   DT  A P     1 
ATOM   143 O  OP1   . DT  A 1 8  ? -11.596 3.019   5.751   1.00 34.57 ? 8   DT  A OP1   1 
ATOM   144 O  OP2   . DT  A 1 8  ? -12.579 2.866   3.443   1.00 27.39 ? 8   DT  A OP2   1 
ATOM   145 O  "O5'" . DT  A 1 8  ? -10.546 4.268   3.671   1.00 23.13 ? 8   DT  A "O5'" 1 
ATOM   146 C  "C5'" . DT  A 1 8  ? -9.416  4.623   4.539   1.00 18.54 ? 8   DT  A "C5'" 1 
ATOM   147 C  "C4'" . DT  A 1 8  ? -8.608  5.697   3.826   1.00 17.97 ? 8   DT  A "C4'" 1 
ATOM   148 O  "O4'" . DT  A 1 8  ? -8.056  5.277   2.625   1.00 17.02 ? 8   DT  A "O4'" 1 
ATOM   149 C  "C3'" . DT  A 1 8  ? -9.439  6.976   3.511   1.00 12.12 ? 8   DT  A "C3'" 1 
ATOM   150 O  "O3'" . DT  A 1 8  ? -8.781  8.064   4.151   1.00 17.66 ? 8   DT  A "O3'" 1 
ATOM   151 C  "C2'" . DT  A 1 8  ? -9.511  7.007   2.023   1.00 14.23 ? 8   DT  A "C2'" 1 
ATOM   152 C  "C1'" . DT  A 1 8  ? -8.286  6.299   1.579   1.00 13.03 ? 8   DT  A "C1'" 1 
ATOM   153 N  N1    . DT  A 1 8  ? -8.382  5.592   0.314   1.00 8.58  ? 8   DT  A N1    1 
ATOM   154 C  C2    . DT  A 1 8  ? -7.354  5.853   -0.627  1.00 10.22 ? 8   DT  A C2    1 
ATOM   155 O  O2    . DT  A 1 8  ? -6.465  6.657   -0.390  1.00 11.83 ? 8   DT  A O2    1 
ATOM   156 N  N3    . DT  A 1 8  ? -7.388  5.183   -1.816  1.00 11.44 ? 8   DT  A N3    1 
ATOM   157 C  C4    . DT  A 1 8  ? -8.342  4.255   -2.122  1.00 10.89 ? 8   DT  A C4    1 
ATOM   158 O  O4    . DT  A 1 8  ? -8.256  3.682   -3.236  1.00 10.58 ? 8   DT  A O4    1 
ATOM   159 C  C5    . DT  A 1 8  ? -9.374  4.004   -1.150  1.00 16.07 ? 8   DT  A C5    1 
ATOM   160 C  C7    . DT  A 1 8  ? -10.458 2.987   -1.441  1.00 18.22 ? 8   DT  A C7    1 
ATOM   161 C  C6    . DT  A 1 8  ? -9.330  4.683   0.008   1.00 12.02 ? 8   DT  A C6    1 
ATOM   162 P  P     . DC  A 1 9  ? -9.236  9.590   4.027   1.00 20.99 ? 9   DC  A P     1 
ATOM   163 O  OP1   . DC  A 1 9  ? -8.799  10.004  5.388   1.00 28.79 ? 9   DC  A OP1   1 
ATOM   164 O  OP2   . DC  A 1 9  ? -10.644 9.733   3.610   1.00 17.28 ? 9   DC  A OP2   1 
ATOM   165 O  "O5'" . DC  A 1 9  ? -8.209  10.221  2.970   1.00 13.34 ? 9   DC  A "O5'" 1 
ATOM   166 C  "C5'" . DC  A 1 9  ? -6.807  9.923   3.089   1.00 8.89  ? 9   DC  A "C5'" 1 
ATOM   167 C  "C4'" . DC  A 1 9  ? -6.136  10.483  1.822   1.00 12.76 ? 9   DC  A "C4'" 1 
ATOM   168 O  "O4'" . DC  A 1 9  ? -6.389  9.766   0.670   1.00 10.38 ? 9   DC  A "O4'" 1 
ATOM   169 C  "C3'" . DC  A 1 9  ? -6.562  11.950  1.542   1.00 15.53 ? 9   DC  A "C3'" 1 
ATOM   170 O  "O3'" . DC  A 1 9  ? -5.352  12.720  1.460   1.00 14.31 ? 9   DC  A "O3'" 1 
ATOM   171 C  "C2'" . DC  A 1 9  ? -7.400  11.841  0.308   1.00 11.94 ? 9   DC  A "C2'" 1 
ATOM   172 C  "C1'" . DC  A 1 9  ? -6.897  10.685  -0.419  1.00 7.81  ? 9   DC  A "C1'" 1 
ATOM   173 N  N1    . DC  A 1 9  ? -7.815  9.825   -1.176  1.00 9.70  ? 9   DC  A N1    1 
ATOM   174 C  C2    . DC  A 1 9  ? -7.398  9.384   -2.434  1.00 6.59  ? 9   DC  A C2    1 
ATOM   175 O  O2    . DC  A 1 9  ? -6.356  9.841   -2.951  1.00 10.79 ? 9   DC  A O2    1 
ATOM   176 N  N3    . DC  A 1 9  ? -8.198  8.542   -3.127  1.00 5.90  ? 9   DC  A N3    1 
ATOM   177 C  C4    . DC  A 1 9  ? -9.337  8.034   -2.580  1.00 6.64  ? 9   DC  A C4    1 
ATOM   178 N  N4    . DC  A 1 9  ? -10.069 7.179   -3.292  1.00 8.22  ? 9   DC  A N4    1 
ATOM   179 C  C5    . DC  A 1 9  ? -9.727  8.428   -1.271  1.00 7.50  ? 9   DC  A C5    1 
ATOM   180 C  C6    . DC  A 1 9  ? -8.947  9.296   -0.618  1.00 8.49  ? 9   DC  A C6    1 
ATOM   181 P  P     . DG  A 1 10 ? -5.388  14.281  1.301   1.00 20.13 ? 10  DG  A P     1 
ATOM   182 O  OP1   . DG  A 1 10 ? -3.954  14.670  1.464   1.00 29.03 ? 10  DG  A OP1   1 
ATOM   183 O  OP2   . DG  A 1 10 ? -6.496  14.913  2.010   1.00 19.54 ? 10  DG  A OP2   1 
ATOM   184 O  "O5'" . DG  A 1 10 ? -5.688  14.515  -0.268  1.00 14.31 ? 10  DG  A "O5'" 1 
ATOM   185 C  "C5'" . DG  A 1 10 ? -4.595  14.223  -1.166  1.00 11.23 ? 10  DG  A "C5'" 1 
ATOM   186 C  "C4'" . DG  A 1 10 ? -5.191  14.549  -2.541  1.00 17.84 ? 10  DG  A "C4'" 1 
ATOM   187 O  "O4'" . DG  A 1 10 ? -6.184  13.592  -2.837  1.00 17.21 ? 10  DG  A "O4'" 1 
ATOM   188 C  "C3'" . DG  A 1 10 ? -5.840  15.916  -2.613  1.00 16.86 ? 10  DG  A "C3'" 1 
ATOM   189 O  "O3'" . DG  A 1 10 ? -5.402  16.666  -3.766  1.00 19.89 ? 10  DG  A "O3'" 1 
ATOM   190 C  "C2'" . DG  A 1 10 ? -7.336  15.605  -2.601  1.00 16.48 ? 10  DG  A "C2'" 1 
ATOM   191 C  "C1'" . DG  A 1 10 ? -7.369  14.305  -3.357  1.00 15.99 ? 10  DG  A "C1'" 1 
ATOM   192 N  N9    . DG  A 1 10 ? -8.513  13.448  -3.156  1.00 11.42 ? 10  DG  A N9    1 
ATOM   193 C  C8    . DG  A 1 10 ? -9.360  13.320  -2.095  1.00 14.36 ? 10  DG  A C8    1 
ATOM   194 N  N7    . DG  A 1 10 ? -10.264 12.397  -2.227  1.00 13.06 ? 10  DG  A N7    1 
ATOM   195 C  C5    . DG  A 1 10 ? -10.007 11.847  -3.481  1.00 11.50 ? 10  DG  A C5    1 
ATOM   196 C  C6    . DG  A 1 10 ? -10.630 10.795  -4.209  1.00 10.53 ? 10  DG  A C6    1 
ATOM   197 O  O6    . DG  A 1 10 ? -11.611 10.117  -3.854  1.00 12.24 ? 10  DG  A O6    1 
ATOM   198 N  N1    . DG  A 1 10 ? -10.066 10.525  -5.414  1.00 10.56 ? 10  DG  A N1    1 
ATOM   199 C  C2    . DG  A 1 10 ? -8.986  11.203  -5.887  1.00 12.59 ? 10  DG  A C2    1 
ATOM   200 N  N2    . DG  A 1 10 ? -8.540  10.839  -7.105  1.00 15.97 ? 10  DG  A N2    1 
ATOM   201 N  N3    . DG  A 1 10 ? -8.363  12.206  -5.261  1.00 14.35 ? 10  DG  A N3    1 
ATOM   202 C  C4    . DG  A 1 10 ? -8.925  12.458  -4.064  1.00 12.39 ? 10  DG  A C4    1 
ATOM   203 O  "O5'" . DC  B 1 1  ? -12.557 7.958   -13.407 1.00 26.53 ? 11  DC  B "O5'" 1 
ATOM   204 C  "C5'" . DC  B 1 1  ? -12.143 6.597   -13.032 1.00 28.52 ? 11  DC  B "C5'" 1 
ATOM   205 C  "C4'" . DC  B 1 1  ? -10.734 6.770   -12.482 1.00 22.75 ? 11  DC  B "C4'" 1 
ATOM   206 O  "O4'" . DC  B 1 1  ? -10.816 7.486   -11.233 1.00 18.14 ? 11  DC  B "O4'" 1 
ATOM   207 C  "C3'" . DC  B 1 1  ? -9.983  5.496   -12.152 1.00 18.05 ? 11  DC  B "C3'" 1 
ATOM   208 O  "O3'" . DC  B 1 1  ? -8.563  5.629   -12.226 1.00 12.84 ? 11  DC  B "O3'" 1 
ATOM   209 C  "C2'" . DC  B 1 1  ? -10.476 5.243   -10.694 1.00 16.94 ? 11  DC  B "C2'" 1 
ATOM   210 C  "C1'" . DC  B 1 1  ? -10.280 6.674   -10.175 1.00 14.11 ? 11  DC  B "C1'" 1 
ATOM   211 N  N1    . DC  B 1 1  ? -10.912 6.929   -8.911  1.00 16.91 ? 11  DC  B N1    1 
ATOM   212 C  C2    . DC  B 1 1  ? -10.444 8.081   -8.205  1.00 13.86 ? 11  DC  B C2    1 
ATOM   213 O  O2    . DC  B 1 1  ? -9.582  8.792   -8.704  1.00 11.58 ? 11  DC  B O2    1 
ATOM   214 N  N3    . DC  B 1 1  ? -10.995 8.373   -7.006  1.00 10.45 ? 11  DC  B N3    1 
ATOM   215 C  C4    . DC  B 1 1  ? -11.971 7.621   -6.453  1.00 11.14 ? 11  DC  B C4    1 
ATOM   216 N  N4    . DC  B 1 1  ? -12.470 7.972   -5.267  1.00 12.03 ? 11  DC  B N4    1 
ATOM   217 C  C5    . DC  B 1 1  ? -12.452 6.474   -7.147  1.00 14.73 ? 11  DC  B C5    1 
ATOM   218 C  C6    . DC  B 1 1  ? -11.897 6.178   -8.333  1.00 16.27 ? 11  DC  B C6    1 
ATOM   219 P  P     . DG  B 1 2  ? -7.663  4.587   -13.050 1.00 19.16 ? 12  DG  B P     1 
ATOM   220 O  OP1   . DG  B 1 2  ? -8.217  4.842   -14.400 1.00 27.28 ? 12  DG  B OP1   1 
ATOM   221 O  OP2   . DG  B 1 2  ? -7.673  3.216   -12.458 1.00 22.60 ? 12  DG  B OP2   1 
ATOM   222 O  "O5'" . DG  B 1 2  ? -6.157  5.119   -12.924 1.00 16.94 ? 12  DG  B "O5'" 1 
ATOM   223 C  "C5'" . DG  B 1 2  ? -5.892  6.436   -13.449 1.00 13.94 ? 12  DG  B "C5'" 1 
ATOM   224 C  "C4'" . DG  B 1 2  ? -4.971  7.113   -12.469 1.00 14.21 ? 12  DG  B "C4'" 1 
ATOM   225 O  "O4'" . DG  B 1 2  ? -5.622  7.411   -11.262 1.00 14.04 ? 12  DG  B "O4'" 1 
ATOM   226 C  "C3'" . DG  B 1 2  ? -3.754  6.241   -12.090 1.00 8.95  ? 12  DG  B "C3'" 1 
ATOM   227 O  "O3'" . DG  B 1 2  ? -2.608  7.026   -12.001 1.00 9.07  ? 12  DG  B "O3'" 1 
ATOM   228 C  "C2'" . DG  B 1 2  ? -4.221  5.607   -10.778 1.00 9.07  ? 12  DG  B "C2'" 1 
ATOM   229 C  "C1'" . DG  B 1 2  ? -4.980  6.744   -10.153 1.00 14.28 ? 12  DG  B "C1'" 1 
ATOM   230 N  N9    . DG  B 1 2  ? -6.006  6.282   -9.207  1.00 18.04 ? 12  DG  B N9    1 
ATOM   231 C  C8    . DG  B 1 2  ? -6.824  5.171   -9.294  1.00 12.93 ? 12  DG  B C8    1 
ATOM   232 N  N7    . DG  B 1 2  ? -7.618  5.041   -8.288  1.00 13.34 ? 12  DG  B N7    1 
ATOM   233 C  C5    . DG  B 1 2  ? -7.351  6.163   -7.483  1.00 13.34 ? 12  DG  B C5    1 
ATOM   234 C  C6    . DG  B 1 2  ? -7.901  6.596   -6.244  1.00 7.33  ? 12  DG  B C6    1 
ATOM   235 O  O6    . DG  B 1 2  ? -8.783  6.068   -5.577  1.00 8.53  ? 12  DG  B O6    1 
ATOM   236 N  N1    . DG  B 1 2  ? -7.351  7.757   -5.747  1.00 9.01  ? 12  DG  B N1    1 
ATOM   237 C  C2    . DG  B 1 2  ? -6.348  8.426   -6.418  1.00 11.28 ? 12  DG  B C2    1 
ATOM   238 N  N2    . DG  B 1 2  ? -5.920  9.527   -5.769  1.00 8.28  ? 12  DG  B N2    1 
ATOM   239 N  N3    . DG  B 1 2  ? -5.811  8.070   -7.573  1.00 11.21 ? 12  DG  B N3    1 
ATOM   240 C  C4    . DG  B 1 2  ? -6.359  6.930   -8.050  1.00 12.74 ? 12  DG  B C4    1 
ATOM   241 P  P     . DA  B 1 3  ? -1.231  6.877   -11.330 1.00 14.00 ? 13  DA  B P     1 
ATOM   242 O  OP1   . DA  B 1 3  ? -0.246  7.634   -12.134 1.00 15.60 ? 13  DA  B OP1   1 
ATOM   243 O  OP2   . DA  B 1 3  ? -0.909  5.439   -11.081 1.00 16.43 ? 13  DA  B OP2   1 
ATOM   244 O  "O5'" . DA  B 1 3  ? -1.363  7.590   -9.878  1.00 13.02 ? 13  DA  B "O5'" 1 
ATOM   245 C  "C5'" . DA  B 1 3  ? -1.537  9.023   -9.845  1.00 14.54 ? 13  DA  B "C5'" 1 
ATOM   246 C  "C4'" . DA  B 1 3  ? -1.425  9.457   -8.399  1.00 16.55 ? 13  DA  B "C4'" 1 
ATOM   247 O  "O4'" . DA  B 1 3  ? -2.418  8.926   -7.576  1.00 15.01 ? 13  DA  B "O4'" 1 
ATOM   248 C  "C3'" . DA  B 1 3  ? -0.082  9.064   -7.730  1.00 13.39 ? 13  DA  B "C3'" 1 
ATOM   249 O  "O3'" . DA  B 1 3  ? 0.360   10.224  -7.004  1.00 17.88 ? 13  DA  B "O3'" 1 
ATOM   250 C  "C2'" . DA  B 1 3  ? -0.430  7.858   -6.915  1.00 12.08 ? 13  DA  B "C2'" 1 
ATOM   251 C  "C1'" . DA  B 1 3  ? -1.836  8.129   -6.486  1.00 13.27 ? 13  DA  B "C1'" 1 
ATOM   252 N  N9    . DA  B 1 3  ? -2.677  6.933   -6.345  1.00 11.99 ? 13  DA  B N9    1 
ATOM   253 C  C8    . DA  B 1 3  ? -2.822  5.916   -7.250  1.00 10.81 ? 13  DA  B C8    1 
ATOM   254 N  N7    . DA  B 1 3  ? -3.707  5.004   -6.893  1.00 10.62 ? 13  DA  B N7    1 
ATOM   255 C  C5    . DA  B 1 3  ? -4.176  5.480   -5.659  1.00 10.89 ? 13  DA  B C5    1 
ATOM   256 C  C6    . DA  B 1 3  ? -5.154  4.952   -4.779  1.00 8.58  ? 13  DA  B C6    1 
ATOM   257 N  N6    . DA  B 1 3  ? -5.817  3.836   -4.999  1.00 9.56  ? 13  DA  B N6    1 
ATOM   258 N  N1    . DA  B 1 3  ? -5.398  5.718   -3.676  1.00 12.31 ? 13  DA  B N1    1 
ATOM   259 C  C2    . DA  B 1 3  ? -4.738  6.884   -3.429  1.00 10.65 ? 13  DA  B C2    1 
ATOM   260 N  N3    . DA  B 1 3  ? -3.795  7.432   -4.228  1.00 8.45  ? 13  DA  B N3    1 
ATOM   261 C  C4    . DA  B 1 3  ? -3.591  6.677   -5.343  1.00 8.91  ? 13  DA  B C4    1 
ATOM   262 P  P     . DT  B 1 4  ? 1.729   10.251  -6.157  1.00 19.59 ? 14  DT  B P     1 
ATOM   263 O  OP1   . DT  B 1 4  ? 2.053   11.694  -6.194  1.00 18.00 ? 14  DT  B OP1   1 
ATOM   264 O  OP2   . DT  B 1 4  ? 2.662   9.227   -6.725  1.00 17.19 ? 14  DT  B OP2   1 
ATOM   265 O  "O5'" . DT  B 1 4  ? 1.254   9.796   -4.698  1.00 10.25 ? 14  DT  B "O5'" 1 
ATOM   266 C  "C5'" . DT  B 1 4  ? 0.200   10.510  -4.090  1.00 8.24  ? 14  DT  B "C5'" 1 
ATOM   267 C  "C4'" . DT  B 1 4  ? -0.134  9.770   -2.800  1.00 11.26 ? 14  DT  B "C4'" 1 
ATOM   268 O  "O4'" . DT  B 1 4  ? -0.827  8.603   -3.052  1.00 12.24 ? 14  DT  B "O4'" 1 
ATOM   269 C  "C3'" . DT  B 1 4  ? 1.144   9.361   -2.010  1.00 11.41 ? 14  DT  B "C3'" 1 
ATOM   270 O  "O3'" . DT  B 1 4  ? 1.222   10.207  -0.876  1.00 13.43 ? 14  DT  B "O3'" 1 
ATOM   271 C  "C2'" . DT  B 1 4  ? 0.958   7.891   -1.746  1.00 14.13 ? 14  DT  B "C2'" 1 
ATOM   272 C  "C1'" . DT  B 1 4  ? -0.477  7.617   -1.970  1.00 12.13 ? 14  DT  B "C1'" 1 
ATOM   273 N  N1    . DT  B 1 4  ? -0.873  6.339   -2.521  1.00 14.08 ? 14  DT  B N1    1 
ATOM   274 C  C2    . DT  B 1 4  ? -1.984  5.684   -1.933  1.00 10.66 ? 14  DT  B C2    1 
ATOM   275 O  O2    . DT  B 1 4  ? -2.547  6.129   -0.946  1.00 11.79 ? 14  DT  B O2    1 
ATOM   276 N  N3    . DT  B 1 4  ? -2.405  4.531   -2.495  1.00 10.91 ? 14  DT  B N3    1 
ATOM   277 C  C4    . DT  B 1 4  ? -1.806  3.989   -3.604  1.00 9.53  ? 14  DT  B C4    1 
ATOM   278 O  O4    . DT  B 1 4  ? -2.286  2.908   -4.045  1.00 12.17 ? 14  DT  B O4    1 
ATOM   279 C  C5    . DT  B 1 4  ? -0.711  4.669   -4.194  1.00 10.20 ? 14  DT  B C5    1 
ATOM   280 C  C7    . DT  B 1 4  ? -0.019  4.098   -5.424  1.00 7.39  ? 14  DT  B C7    1 
ATOM   281 C  C6    . DT  B 1 4  ? -0.309  5.797   -3.639  1.00 10.18 ? 14  DT  B C6    1 
ATOM   282 P  P     . DC  B 1 5  ? 2.343   10.139  0.273   1.00 21.24 ? 15  DC  B P     1 
ATOM   283 O  OP1   . DC  B 1 5  ? 2.354   11.516  0.766   1.00 20.13 ? 15  DC  B OP1   1 
ATOM   284 O  OP2   . DC  B 1 5  ? 3.624   9.555   -0.139  1.00 22.86 ? 15  DC  B OP2   1 
ATOM   285 O  "O5'" . DC  B 1 5  ? 1.713   9.117   1.373   1.00 14.86 ? 15  DC  B "O5'" 1 
ATOM   286 C  "C5'" . DC  B 1 5  ? 0.445   9.561   1.938   1.00 15.50 ? 15  DC  B "C5'" 1 
ATOM   287 C  "C4'" . DC  B 1 5  ? -0.118  8.338   2.681   1.00 15.09 ? 15  DC  B "C4'" 1 
ATOM   288 O  "O4'" . DC  B 1 5  ? -0.327  7.294   1.821   1.00 16.16 ? 15  DC  B "O4'" 1 
ATOM   289 C  "C3'" . DC  B 1 5  ? 0.837   7.847   3.786   1.00 15.32 ? 15  DC  B "C3'" 1 
ATOM   290 O  "O3'" . DC  B 1 5  ? 0.231   8.060   5.070   1.00 14.85 ? 15  DC  B "O3'" 1 
ATOM   291 C  "C2'" . DC  B 1 5  ? 1.106   6.403   3.434   1.00 20.11 ? 15  DC  B "C2'" 1 
ATOM   292 C  "C1'" . DC  B 1 5  ? -0.001  6.025   2.521   1.00 18.44 ? 15  DC  B "C1'" 1 
ATOM   293 N  N1    . DC  B 1 5  ? 0.287   5.077   1.452   1.00 11.97 ? 15  DC  B N1    1 
ATOM   294 C  C2    . DC  B 1 5  ? -0.655  4.052   1.243   1.00 13.42 ? 15  DC  B C2    1 
ATOM   295 O  O2    . DC  B 1 5  ? -1.619  3.914   1.978   1.00 12.42 ? 15  DC  B O2    1 
ATOM   296 N  N3    . DC  B 1 5  ? -0.437  3.178   0.206   1.00 7.61  ? 15  DC  B N3    1 
ATOM   297 C  C4    . DC  B 1 5  ? 0.605   3.308   -0.630  1.00 6.09  ? 15  DC  B C4    1 
ATOM   298 N  N4    . DC  B 1 5  ? 0.755   2.459   -1.638  1.00 8.29  ? 15  DC  B N4    1 
ATOM   299 C  C5    . DC  B 1 5  ? 1.558   4.371   -0.434  1.00 9.96  ? 15  DC  B C5    1 
ATOM   300 C  C6    . DC  B 1 5  ? 1.325   5.213   0.579   1.00 11.60 ? 15  DC  B C6    1 
ATOM   301 P  P     . DG  B 1 6  ? 1.051   7.803   6.417   1.00 14.82 ? 16  DG  B P     1 
ATOM   302 O  OP1   . DG  B 1 6  ? 0.403   8.624   7.464   1.00 21.83 ? 16  DG  B OP1   1 
ATOM   303 O  OP2   . DG  B 1 6  ? 2.531   7.869   6.354   1.00 15.86 ? 16  DG  B OP2   1 
ATOM   304 O  "O5'" . DG  B 1 6  ? 0.620   6.289   6.651   1.00 16.68 ? 16  DG  B "O5'" 1 
ATOM   305 C  "C5'" . DG  B 1 6  ? -0.705  5.873   7.048   1.00 13.57 ? 16  DG  B "C5'" 1 
ATOM   306 C  "C4'" . DG  B 1 6  ? -0.658  4.381   7.146   1.00 12.27 ? 16  DG  B "C4'" 1 
ATOM   307 O  "O4'" . DG  B 1 6  ? -0.397  3.841   5.808   1.00 15.75 ? 16  DG  B "O4'" 1 
ATOM   308 C  "C3'" . DG  B 1 6  ? 0.388   3.718   8.032   1.00 13.28 ? 16  DG  B "C3'" 1 
ATOM   309 O  "O3'" . DG  B 1 6  ? -0.150  2.523   8.614   1.00 14.72 ? 16  DG  B "O3'" 1 
ATOM   310 C  "C2'" . DG  B 1 6  ? 1.527   3.368   7.058   1.00 13.53 ? 16  DG  B "C2'" 1 
ATOM   311 C  "C1'" . DG  B 1 6  ? 0.620   2.827   5.930   1.00 12.23 ? 16  DG  B "C1'" 1 
ATOM   312 N  N9    . DG  B 1 6  ? 1.334   2.609   4.689   1.00 10.15 ? 16  DG  B N9    1 
ATOM   313 C  C8    . DG  B 1 6  ? 2.405   3.240   4.116   1.00 14.18 ? 16  DG  B C8    1 
ATOM   314 N  N7    . DG  B 1 6  ? 2.768   2.765   2.963   1.00 8.69  ? 16  DG  B N7    1 
ATOM   315 C  C5    . DG  B 1 6  ? 1.853   1.741   2.725   1.00 6.30  ? 16  DG  B C5    1 
ATOM   316 C  C6    . DG  B 1 6  ? 1.705   0.835   1.645   1.00 5.25  ? 16  DG  B C6    1 
ATOM   317 O  O6    . DG  B 1 6  ? 2.394   0.795   0.626   1.00 7.36  ? 16  DG  B O6    1 
ATOM   318 N  N1    . DG  B 1 6  ? 0.668   -0.056  1.785   1.00 10.03 ? 16  DG  B N1    1 
ATOM   319 C  C2    . DG  B 1 6  ? -0.168  -0.047  2.872   1.00 7.92  ? 16  DG  B C2    1 
ATOM   320 N  N2    . DG  B 1 6  ? -1.165  -0.931  2.881   1.00 7.53  ? 16  DG  B N2    1 
ATOM   321 N  N3    . DG  B 1 6  ? -0.075  0.791   3.922   1.00 9.20  ? 16  DG  B N3    1 
ATOM   322 C  C4    . DG  B 1 6  ? 0.958   1.634   3.780   1.00 9.49  ? 16  DG  B C4    1 
ATOM   323 P  P     . DA  B 1 7  ? -0.558  2.358   10.170  1.00 16.89 ? 17  DA  B P     1 
ATOM   324 O  OP1   . DA  B 1 7  ? -1.803  3.031   10.573  1.00 23.75 ? 17  DA  B OP1   1 
ATOM   325 O  OP2   . DA  B 1 7  ? 0.581   2.822   11.007  1.00 22.58 ? 17  DA  B OP2   1 
ATOM   326 O  "O5'" . DA  B 1 7  ? -0.346  0.776   10.184  1.00 20.46 ? 17  DA  B "O5'" 1 
ATOM   327 C  "C5'" . DA  B 1 7  ? -1.030  -0.361  10.199  1.00 21.45 ? 17  DA  B "C5'" 1 
ATOM   328 C  "C4'" . DA  B 1 7  ? -0.944  -1.188  8.972   1.00 9.36  ? 17  DA  B "C4'" 1 
ATOM   329 O  "O4'" . DA  B 1 7  ? -0.387  -0.571  7.815   1.00 6.26  ? 17  DA  B "O4'" 1 
ATOM   330 C  "C3'" . DA  B 1 7  ? -0.035  -2.436  9.106   1.00 6.53  ? 17  DA  B "C3'" 1 
ATOM   331 O  "O3'" . DA  B 1 7  ? -0.532  -3.317  10.073  1.00 6.28  ? 17  DA  B "O3'" 1 
ATOM   332 C  "C2'" . DA  B 1 7  ? -0.124  -2.957  7.669   1.00 9.58  ? 17  DA  B "C2'" 1 
ATOM   333 C  "C1'" . DA  B 1 7  ? -0.082  -1.702  6.892   1.00 7.07  ? 17  DA  B "C1'" 1 
ATOM   334 N  N9    . DA  B 1 7  ? 1.167   -1.353  6.196   1.00 5.70  ? 17  DA  B N9    1 
ATOM   335 C  C8    . DA  B 1 7  ? 2.039   -0.347  6.501   1.00 5.13  ? 17  DA  B C8    1 
ATOM   336 N  N7    . DA  B 1 7  ? 2.969   -0.182  5.606   1.00 8.02  ? 17  DA  B N7    1 
ATOM   337 C  C5    . DA  B 1 7  ? 2.720   -1.153  4.664   1.00 7.65  ? 17  DA  B C5    1 
ATOM   338 C  C6    . DA  B 1 7  ? 3.376   -1.472  3.438   1.00 7.22  ? 17  DA  B C6    1 
ATOM   339 N  N6    . DA  B 1 7  ? 4.466   -0.838  3.027   1.00 6.53  ? 17  DA  B N6    1 
ATOM   340 N  N1    . DA  B 1 7  ? 2.828   -2.508  2.738   1.00 5.97  ? 17  DA  B N1    1 
ATOM   341 C  C2    . DA  B 1 7  ? 1.704   -3.130  3.162   1.00 4.93  ? 17  DA  B C2    1 
ATOM   342 N  N3    . DA  B 1 7  ? 1.019   -2.869  4.307   1.00 4.22  ? 17  DA  B N3    1 
ATOM   343 C  C4    . DA  B 1 7  ? 1.582   -1.869  4.985   1.00 5.63  ? 17  DA  B C4    1 
ATOM   344 P  P     . DT  B 1 8  ? 0.256   -4.577  10.546  1.00 9.49  ? 18  DT  B P     1 
ATOM   345 O  OP1   . DT  B 1 8  ? -0.574  -5.105  11.674  1.00 9.49  ? 18  DT  B OP1   1 
ATOM   346 O  OP2   . DT  B 1 8  ? 1.707   -4.322  10.909  1.00 13.05 ? 18  DT  B OP2   1 
ATOM   347 O  "O5'" . DT  B 1 8  ? 0.284   -5.608  9.343   1.00 7.16  ? 18  DT  B "O5'" 1 
ATOM   348 C  "C5'" . DT  B 1 8  ? -0.958  -6.090  8.765   1.00 8.09  ? 18  DT  B "C5'" 1 
ATOM   349 C  "C4'" . DT  B 1 8  ? -0.596  -6.860  7.511   1.00 12.67 ? 18  DT  B "C4'" 1 
ATOM   350 O  "O4'" . DT  B 1 8  ? 0.178   -6.110  6.637   1.00 10.04 ? 18  DT  B "O4'" 1 
ATOM   351 C  "C3'" . DT  B 1 8  ? 0.225   -8.167  7.778   1.00 8.91  ? 18  DT  B "C3'" 1 
ATOM   352 O  "O3'" . DT  B 1 8  ? -0.416  -9.214  7.039   1.00 14.73 ? 18  DT  B "O3'" 1 
ATOM   353 C  "C2'" . DT  B 1 8  ? 1.600   -7.827  7.339   1.00 6.53  ? 18  DT  B "C2'" 1 
ATOM   354 C  "C1'" . DT  B 1 8  ? 1.354   -6.833  6.221   1.00 8.22  ? 18  DT  B "C1'" 1 
ATOM   355 N  N1    . DT  B 1 8  ? 2.451   -5.881  6.079   1.00 9.94  ? 18  DT  B N1    1 
ATOM   356 C  C2    . DT  B 1 8  ? 3.157   -5.834  4.870   1.00 10.00 ? 18  DT  B C2    1 
ATOM   357 O  O2    . DT  B 1 8  ? 2.858   -6.574  3.953   1.00 8.45  ? 18  DT  B O2    1 
ATOM   358 N  N3    . DT  B 1 8  ? 4.131   -4.901  4.772   1.00 7.37  ? 18  DT  B N3    1 
ATOM   359 C  C4    . DT  B 1 8  ? 4.478   -4.047  5.767   1.00 6.34  ? 18  DT  B C4    1 
ATOM   360 O  O4    . DT  B 1 8  ? 5.403   -3.231  5.559   1.00 7.27  ? 18  DT  B O4    1 
ATOM   361 C  C5    . DT  B 1 8  ? 3.745   -4.098  6.999   1.00 7.15  ? 18  DT  B C5    1 
ATOM   362 C  C7    . DT  B 1 8  ? 4.072   -3.191  8.146   1.00 12.65 ? 18  DT  B C7    1 
ATOM   363 C  C6    . DT  B 1 8  ? 2.773   -5.018  7.092   1.00 6.65  ? 18  DT  B C6    1 
ATOM   364 P  P     . DC  B 1 9  ? 0.219   -10.684 6.899   1.00 14.88 ? 19  DC  B P     1 
ATOM   365 O  OP1   . DC  B 1 9  ? -1.005  -11.442 6.604   1.00 16.30 ? 19  DC  B OP1   1 
ATOM   366 O  OP2   . DC  B 1 9  ? 1.015   -11.020 8.076   1.00 11.47 ? 19  DC  B OP2   1 
ATOM   367 O  "O5'" . DC  B 1 9  ? 1.177   -10.607 5.607   1.00 16.83 ? 19  DC  B "O5'" 1 
ATOM   368 C  "C5'" . DC  B 1 9  ? 0.531   -10.369 4.329   1.00 18.12 ? 19  DC  B "C5'" 1 
ATOM   369 C  "C4'" . DC  B 1 9  ? 1.608   -10.651 3.279   1.00 13.61 ? 19  DC  B "C4'" 1 
ATOM   370 O  "O4'" . DC  B 1 9  ? 2.639   -9.726  3.356   1.00 12.77 ? 19  DC  B "O4'" 1 
ATOM   371 C  "C3'" . DC  B 1 9  ? 2.253   -12.040 3.398   1.00 14.35 ? 19  DC  B "C3'" 1 
ATOM   372 O  "O3'" . DC  B 1 9  ? 2.356   -12.574 2.087   1.00 17.52 ? 19  DC  B "O3'" 1 
ATOM   373 C  "C2'" . DC  B 1 9  ? 3.582   -11.739 4.086   1.00 9.29  ? 19  DC  B "C2'" 1 
ATOM   374 C  "C1'" . DC  B 1 9  ? 3.944   -10.419 3.499   1.00 7.41  ? 19  DC  B "C1'" 1 
ATOM   375 N  N1    . DC  B 1 9  ? 4.755   -9.529  4.316   1.00 10.42 ? 19  DC  B N1    1 
ATOM   376 C  C2    . DC  B 1 9  ? 5.835   -8.890  3.748   1.00 10.80 ? 19  DC  B C2    1 
ATOM   377 O  O2    . DC  B 1 9  ? 6.197   -9.113  2.581   1.00 10.92 ? 19  DC  B O2    1 
ATOM   378 N  N3    . DC  B 1 9  ? 6.539   -8.024  4.516   1.00 7.47  ? 19  DC  B N3    1 
ATOM   379 C  C4    . DC  B 1 9  ? 6.186   -7.730  5.802   1.00 8.07  ? 19  DC  B C4    1 
ATOM   380 N  N4    . DC  B 1 9  ? 6.907   -6.849  6.488   1.00 13.11 ? 19  DC  B N4    1 
ATOM   381 C  C5    . DC  B 1 9  ? 5.040   -8.361  6.377   1.00 6.25  ? 19  DC  B C5    1 
ATOM   382 C  C6    . DC  B 1 9  ? 4.380   -9.221  5.622   1.00 9.52  ? 19  DC  B C6    1 
ATOM   383 P  P     . DG  B 1 10 ? 3.014   -13.978 1.792   1.00 17.96 ? 20  DG  B P     1 
ATOM   384 O  OP1   . DG  B 1 10 ? 2.341   -14.341 0.520   1.00 31.67 ? 20  DG  B OP1   1 
ATOM   385 O  OP2   . DG  B 1 10 ? 2.849   -14.924 2.914   1.00 11.52 ? 20  DG  B OP2   1 
ATOM   386 O  "O5'" . DG  B 1 10 ? 4.578   -13.747 1.546   1.00 16.67 ? 20  DG  B "O5'" 1 
ATOM   387 C  "C5'" . DG  B 1 10 ? 4.951   -12.770 0.557   1.00 19.33 ? 20  DG  B "C5'" 1 
ATOM   388 C  "C4'" . DG  B 1 10 ? 6.424   -13.012 0.261   1.00 19.31 ? 20  DG  B "C4'" 1 
ATOM   389 O  "O4'" . DG  B 1 10 ? 7.261   -12.256 1.083   1.00 23.09 ? 20  DG  B "O4'" 1 
ATOM   390 C  "C3'" . DG  B 1 10 ? 6.871   -14.467 0.495   1.00 14.77 ? 20  DG  B "C3'" 1 
ATOM   391 O  "O3'" . DG  B 1 10 ? 7.904   -14.791 -0.454  1.00 15.90 ? 20  DG  B "O3'" 1 
ATOM   392 C  "C2'" . DG  B 1 10 ? 7.314   -14.447 1.940   1.00 14.12 ? 20  DG  B "C2'" 1 
ATOM   393 C  "C1'" . DG  B 1 10 ? 7.992   -13.115 2.034   1.00 18.95 ? 20  DG  B "C1'" 1 
ATOM   394 N  N9    . DG  B 1 10 ? 7.927   -12.492 3.351   1.00 11.70 ? 20  DG  B N9    1 
ATOM   395 C  C8    . DG  B 1 10 ? 7.047   -12.725 4.352   1.00 17.05 ? 20  DG  B C8    1 
ATOM   396 N  N7    . DG  B 1 10 ? 7.192   -11.965 5.410   1.00 16.50 ? 20  DG  B N7    1 
ATOM   397 C  C5    . DG  B 1 10 ? 8.248   -11.126 5.045   1.00 9.54  ? 20  DG  B C5    1 
ATOM   398 C  C6    . DG  B 1 10 ? 8.902   -10.081 5.759   1.00 8.02  ? 20  DG  B C6    1 
ATOM   399 O  O6    . DG  B 1 10 ? 8.575   -9.694  6.911   1.00 10.56 ? 20  DG  B O6    1 
ATOM   400 N  N1    . DG  B 1 10 ? 9.906   -9.467  5.082   1.00 9.81  ? 20  DG  B N1    1 
ATOM   401 C  C2    . DG  B 1 10 ? 10.288  -9.854  3.828   1.00 12.08 ? 20  DG  B C2    1 
ATOM   402 N  N2    . DG  B 1 10 ? 11.303  -9.184  3.243   1.00 11.55 ? 20  DG  B N2    1 
ATOM   403 N  N3    . DG  B 1 10 ? 9.710   -10.849 3.105   1.00 13.44 ? 20  DG  B N3    1 
ATOM   404 C  C4    . DG  B 1 10 ? 8.713   -11.432 3.794   1.00 9.32  ? 20  DG  B C4    1 
HETATM 405 MG MG    . MG  C 2 .  ? -1.310  -0.769  -6.313  1.00 36.83 ? 22  MG  A MG    1 
HETATM 406 MG MG    . MG  D 2 .  ? -3.221  -4.430  4.468   1.00 8.94  ? 21  MG  B MG    1 
HETATM 407 O  O     . HOH E 3 .  ? 5.331   -8.839  -0.180  1.00 14.61 ? 23  HOH A O     1 
HETATM 408 O  O     . HOH E 3 .  ? 1.477   -7.269  1.608   1.00 13.75 ? 24  HOH A O     1 
HETATM 409 O  O     . HOH E 3 .  ? -3.656  10.314  -2.978  1.00 12.83 ? 26  HOH A O     1 
HETATM 410 O  O     . HOH E 3 .  ? 14.028  -6.847  1.968   1.00 32.96 ? 27  HOH A O     1 
HETATM 411 O  O     . HOH E 3 .  ? 11.607  -7.964  -0.461  1.00 18.49 ? 28  HOH A O     1 
HETATM 412 O  O     . HOH E 3 .  ? -5.225  -1.267  3.270   1.00 17.04 ? 29  HOH A O     1 
HETATM 413 O  O     . HOH E 3 .  ? -5.751  3.999   3.512   1.00 20.46 ? 30  HOH A O     1 
HETATM 414 O  O     . HOH E 3 .  ? -6.228  13.318  -6.628  1.00 24.59 ? 31  HOH A O     1 
HETATM 415 O  O     . HOH E 3 .  ? -5.077  1.568   4.443   1.00 23.53 ? 39  HOH A O     1 
HETATM 416 O  O     . HOH E 3 .  ? 9.002   -6.472  10.480  1.00 31.67 ? 41  HOH A O     1 
HETATM 417 O  O     . HOH E 3 .  ? 8.979   -3.434  6.528   1.00 33.58 ? 42  HOH A O     1 
HETATM 418 O  O     . HOH E 3 .  ? 10.665  -1.100  4.652   1.00 38.41 ? 43  HOH A O     1 
HETATM 419 O  O     . HOH E 3 .  ? 9.070   -0.702  0.675   1.00 23.76 ? 44  HOH A O     1 
HETATM 420 O  O     . HOH E 3 .  ? 6.455   0.943   -0.088  1.00 27.89 ? 45  HOH A O     1 
HETATM 421 O  O     . HOH E 3 .  ? 2.244   -0.757  -4.841  1.00 17.34 ? 46  HOH A O     1 
HETATM 422 O  O     . HOH E 3 .  ? -6.368  -0.439  -4.330  1.00 27.13 ? 47  HOH A O     1 
HETATM 423 O  O     . HOH E 3 .  ? -9.124  -0.544  -2.749  1.00 39.92 ? 48  HOH A O     1 
HETATM 424 O  O     . HOH E 3 .  ? -8.867  1.712   -5.360  1.00 28.45 ? 49  HOH A O     1 
HETATM 425 O  O     . HOH E 3 .  ? -12.401 6.285   -1.675  1.00 18.92 ? 50  HOH A O     1 
HETATM 426 O  O     . HOH E 3 .  ? -13.356 9.643   -1.814  1.00 27.24 ? 51  HOH A O     1 
HETATM 427 O  O     . HOH E 3 .  ? -11.728 11.613  0.102   1.00 29.97 ? 52  HOH A O     1 
HETATM 428 O  O     . HOH E 3 .  ? 9.292   -1.300  6.821   1.00 31.17 ? 67  HOH A O     1 
HETATM 429 O  O     . HOH E 3 .  ? 8.565   -0.038  3.412   1.00 42.20 ? 68  HOH A O     1 
HETATM 430 O  O     . HOH E 3 .  ? -1.448  -7.730  2.278   1.00 12.01 ? 73  HOH A O     1 
HETATM 431 O  O     . HOH E 3 .  ? -5.799  5.973   4.904   1.00 41.59 ? 74  HOH A O     1 
HETATM 432 O  O     . HOH E 3 .  ? 7.655   -9.524  -1.249  1.00 24.72 ? 75  HOH A O     1 
HETATM 433 O  O     . HOH E 3 .  ? 15.767  -6.081  -3.422  1.00 33.17 ? 76  HOH A O     1 
HETATM 434 O  O     . HOH E 3 .  ? 12.467  -9.176  -2.967  1.00 46.58 ? 79  HOH A O     1 
HETATM 435 O  O     . HOH E 3 .  ? -7.039  -6.175  4.572   1.00 19.49 ? 80  HOH A O     1 
HETATM 436 O  O     . HOH E 3 .  ? 7.032   -11.099 -3.463  1.00 40.29 ? 82  HOH A O     1 
HETATM 437 O  O     . HOH E 3 .  ? -13.484 11.710  1.621   1.00 45.98 ? 86  HOH A O     1 
HETATM 438 O  O     . HOH E 3 .  ? -0.836  -4.829  -5.252  1.00 29.66 ? 87  HOH A O     1 
HETATM 439 O  O     . HOH E 3 .  ? -2.156  -0.895  -10.139 1.00 26.10 ? 88  HOH A O     1 
HETATM 440 O  O     . HOH E 3 .  ? 19.641  -1.502  4.178   1.00 30.84 ? 90  HOH A O     1 
HETATM 441 O  O     . HOH E 3 .  ? -3.241  17.586  -3.168  1.00 53.21 ? 92  HOH A O     1 
HETATM 442 O  O     . HOH E 3 .  ? 12.067  0.345   0.985   1.00 35.36 ? 93  HOH A O     1 
HETATM 443 O  O     . HOH E 3 .  ? 9.361   -2.033  -3.510  1.00 7.54  ? 94  HOH A O     1 
HETATM 444 O  O     . HOH E 3 .  ? 5.717   -3.697  -5.763  1.00 11.05 ? 95  HOH A O     1 
HETATM 445 O  O     . HOH E 3 .  ? 4.383   -10.320 -7.000  1.00 38.13 ? 96  HOH A O     1 
HETATM 446 O  O     . HOH E 3 .  ? 5.830   -5.450  -9.067  1.00 29.18 ? 97  HOH A O     1 
HETATM 447 O  O     . HOH E 3 .  ? 8.230   -10.470 -5.956  1.00 23.14 ? 98  HOH A O     1 
HETATM 448 O  O     . HOH E 3 .  ? 1.728   -4.227  -7.101  1.00 36.35 ? 99  HOH A O     1 
HETATM 449 O  O     . HOH E 3 .  ? 6.684   -8.787  -9.123  1.00 32.68 ? 100 HOH A O     1 
HETATM 450 O  O     . HOH E 3 .  ? -4.746  -4.961  -4.153  1.00 22.24 ? 101 HOH A O     1 
HETATM 451 O  O     . HOH E 3 .  ? -4.055  -9.892  -4.177  1.00 21.41 ? 102 HOH A O     1 
HETATM 452 O  O     . HOH E 3 .  ? -4.754  -10.353 1.178   1.00 37.57 ? 103 HOH A O     1 
HETATM 453 O  O     . HOH E 3 .  ? -9.458  -5.722  3.251   1.00 30.18 ? 104 HOH A O     1 
HETATM 454 O  O     . HOH E 3 .  ? -12.038 9.302   1.279   1.00 19.38 ? 105 HOH A O     1 
HETATM 455 O  O     . HOH E 3 .  ? -10.395 11.497  7.057   1.00 41.19 ? 106 HOH A O     1 
HETATM 456 O  O     . HOH E 3 .  ? -9.231  14.802  0.510   1.00 42.92 ? 107 HOH A O     1 
HETATM 457 O  O     . HOH E 3 .  ? -2.975  15.313  4.050   1.00 40.13 ? 108 HOH A O     1 
HETATM 458 O  O     . HOH E 3 .  ? 9.695   0.191   -1.794  1.00 27.19 ? 124 HOH A O     1 
HETATM 459 O  O     . HOH E 3 .  ? 4.038   -11.789 -3.488  1.00 22.58 ? 125 HOH A O     1 
HETATM 460 O  O     . HOH E 3 .  ? 3.514   -3.119  -5.678  1.00 34.37 ? 127 HOH A O     1 
HETATM 461 O  O     . HOH E 3 .  ? -9.296  -3.678  -3.395  1.00 23.77 ? 128 HOH A O     1 
HETATM 462 O  O     . HOH E 3 .  ? -2.239  -10.016 1.759   1.00 21.66 ? 129 HOH A O     1 
HETATM 463 O  O     . HOH E 3 .  ? -7.026  -2.865  4.053   1.00 51.31 ? 134 HOH A O     1 
HETATM 464 O  O     . HOH E 3 .  ? -10.803 13.321  2.156   1.00 40.91 ? 136 HOH A O     1 
HETATM 465 O  O     . HOH E 3 .  ? -12.518 0.437   -0.468  1.00 37.66 ? 137 HOH A O     1 
HETATM 466 O  O     . HOH E 3 .  ? -13.302 2.511   0.951   1.00 34.96 ? 139 HOH A O     1 
HETATM 467 O  O     . HOH E 3 .  ? -8.953  -8.781  2.315   1.00 49.51 ? 144 HOH A O     1 
HETATM 468 O  O     . HOH E 3 .  ? -5.067  -8.625  4.199   1.00 38.85 ? 146 HOH A O     1 
HETATM 469 O  O     . HOH E 3 .  ? 2.934   -11.493 -5.413  1.00 46.40 ? 147 HOH A O     1 
HETATM 470 O  O     . HOH E 3 .  ? -6.226  17.909  2.368   1.00 35.84 ? 148 HOH A O     1 
HETATM 471 O  O     . HOH E 3 .  ? 20.892  0.691   4.272   1.00 39.05 ? 149 HOH A O     1 
HETATM 472 O  O     . HOH E 3 .  ? 9.361   1.221   7.552   1.00 39.10 ? 150 HOH A O     1 
HETATM 473 O  O     . HOH E 3 .  ? 11.675  3.415   8.252   1.00 55.80 ? 152 HOH A O     1 
HETATM 474 O  O     . HOH E 3 .  ? 13.780  -0.184  -1.413  1.00 45.62 ? 154 HOH A O     1 
HETATM 475 O  O     . HOH E 3 .  ? -1.124  -11.775 -0.055  1.00 45.89 ? 156 HOH A O     1 
HETATM 476 O  O     . HOH E 3 .  ? -6.297  3.772   5.788   1.00 44.23 ? 157 HOH A O     1 
HETATM 477 O  O     . HOH E 3 .  ? 20.922  -2.325  5.890   1.00 52.50 ? 158 HOH A O     1 
HETATM 478 O  O     . HOH E 3 .  ? 20.995  -3.602  2.351   1.00 40.93 ? 159 HOH A O     1 
HETATM 479 O  O     . HOH E 3 .  ? 2.291   -9.319  -8.518  1.00 47.87 ? 162 HOH A O     1 
HETATM 480 O  O     . HOH E 3 .  ? 17.783  -3.673  2.460   1.00 41.57 ? 163 HOH A O     1 
HETATM 481 O  O     . HOH E 3 .  ? 16.644  0.696   4.213   1.00 48.71 ? 164 HOH A O     1 
HETATM 482 O  O     . HOH E 3 .  ? -5.247  -4.321  4.312   1.00 12.22 ? 166 HOH A O     1 
HETATM 483 O  O     . HOH E 3 .  ? -3.275  -6.301  3.747   1.00 16.28 ? 167 HOH A O     1 
HETATM 484 O  O     . HOH E 3 .  ? -3.074  -3.713  2.551   1.00 9.92  ? 169 HOH A O     1 
HETATM 485 O  O     . HOH E 3 .  ? -3.473  -5.105  6.337   1.00 12.42 ? 170 HOH A O     1 
HETATM 486 O  O     . HOH E 3 .  ? -2.533  -1.738  -5.140  1.00 17.94 ? 171 HOH A O     1 
HETATM 487 O  O     . HOH E 3 .  ? -0.172  -2.421  -6.505  1.00 43.81 ? 174 HOH A O     1 
HETATM 488 O  O     . HOH E 3 .  ? -0.169  -0.206  -4.744  1.00 16.42 ? 175 HOH A O     1 
HETATM 489 O  O     . HOH E 3 .  ? -2.376  -1.353  -7.902  1.00 28.34 ? 176 HOH A O     1 
HETATM 490 O  O     . HOH F 3 .  ? -4.017  7.921   0.817   1.00 21.38 ? 25  HOH B O     1 
HETATM 491 O  O     . HOH F 3 .  ? -9.225  9.831   -11.801 1.00 40.48 ? 32  HOH B O     1 
HETATM 492 O  O     . HOH F 3 .  ? -4.934  10.292  -9.572  1.00 33.81 ? 33  HOH B O     1 
HETATM 493 O  O     . HOH F 3 .  ? -2.965  4.285   4.064   1.00 22.97 ? 34  HOH B O     1 
HETATM 494 O  O     . HOH F 3 .  ? -2.818  0.995   5.362   1.00 22.70 ? 35  HOH B O     1 
HETATM 495 O  O     . HOH F 3 .  ? 10.426  -11.030 0.591   1.00 22.85 ? 36  HOH B O     1 
HETATM 496 O  O     . HOH F 3 .  ? 2.674   -9.264  -0.102  1.00 16.19 ? 37  HOH B O     1 
HETATM 497 O  O     . HOH F 3 .  ? -2.846  10.054  -0.095  1.00 14.46 ? 38  HOH B O     1 
HETATM 498 O  O     . HOH F 3 .  ? -7.005  11.926  -10.455 1.00 58.91 ? 40  HOH B O     1 
HETATM 499 O  O     . HOH F 3 .  ? -15.074 6.236   -4.627  1.00 26.34 ? 53  HOH B O     1 
HETATM 500 O  O     . HOH F 3 .  ? -10.315 3.785   -5.843  1.00 27.60 ? 54  HOH B O     1 
HETATM 501 O  O     . HOH F 3 .  ? -9.700  2.666   -7.691  1.00 27.77 ? 55  HOH B O     1 
HETATM 502 O  O     . HOH F 3 .  ? -3.783  2.745   -7.799  1.00 26.82 ? 56  HOH B O     1 
HETATM 503 O  O     . HOH F 3 .  ? 3.268   2.842   -3.437  1.00 23.68 ? 57  HOH B O     1 
HETATM 504 O  O     . HOH F 3 .  ? 4.498   1.865   -0.570  1.00 26.10 ? 58  HOH B O     1 
HETATM 505 O  O     . HOH F 3 .  ? 5.729   1.238   3.899   1.00 34.17 ? 59  HOH B O     1 
HETATM 506 O  O     . HOH F 3 .  ? 5.441   1.297   6.455   1.00 31.85 ? 60  HOH B O     1 
HETATM 507 O  O     . HOH F 3 .  ? 6.651   -1.012  6.324   1.00 29.60 ? 61  HOH B O     1 
HETATM 508 O  O     . HOH F 3 .  ? 6.067   -6.173  9.261   1.00 17.31 ? 62  HOH B O     1 
HETATM 509 O  O     . HOH F 3 .  ? 6.972   -9.838  9.170   1.00 36.75 ? 63  HOH B O     1 
HETATM 510 O  O     . HOH F 3 .  ? 5.514   -12.392 7.099   1.00 27.74 ? 64  HOH B O     1 
HETATM 511 O  O     . HOH F 3 .  ? 5.440   -11.737 9.833   1.00 24.29 ? 65  HOH B O     1 
HETATM 512 O  O     . HOH F 3 .  ? 7.882   -4.175  9.544   1.00 24.26 ? 66  HOH B O     1 
HETATM 513 O  O     . HOH F 3 .  ? 6.614   -0.291  8.802   1.00 38.94 ? 69  HOH B O     1 
HETATM 514 O  O     . HOH F 3 .  ? 5.492   3.317   1.219   1.00 55.48 ? 70  HOH B O     1 
HETATM 515 O  O     . HOH F 3 .  ? -12.774 4.987   -3.831  1.00 41.20 ? 71  HOH B O     1 
HETATM 516 O  O     . HOH F 3 .  ? -3.526  13.128  -9.121  1.00 49.28 ? 72  HOH B O     1 
HETATM 517 O  O     . HOH F 3 .  ? -3.112  1.215   7.513   1.00 16.06 ? 77  HOH B O     1 
HETATM 518 O  O     . HOH F 3 .  ? -3.631  7.409   3.572   1.00 29.42 ? 78  HOH B O     1 
HETATM 519 O  O     . HOH F 3 .  ? -4.227  -7.840  7.214   1.00 17.27 ? 81  HOH B O     1 
HETATM 520 O  O     . HOH F 3 .  ? 7.847   2.886   1.787   1.00 31.18 ? 83  HOH B O     1 
HETATM 521 O  O     . HOH F 3 .  ? -5.509  1.401   -7.266  1.00 46.15 ? 84  HOH B O     1 
HETATM 522 O  O     . HOH F 3 .  ? 3.649   -10.890 8.618   1.00 27.84 ? 85  HOH B O     1 
HETATM 523 O  O     . HOH F 3 .  ? -6.895  1.694   -9.557  1.00 48.68 ? 89  HOH B O     1 
HETATM 524 O  O     . HOH F 3 .  ? -11.971 9.326   -15.405 1.00 37.57 ? 91  HOH B O     1 
HETATM 525 O  O     . HOH F 3 .  ? 1.070   9.721   -12.852 1.00 17.07 ? 109 HOH B O     1 
HETATM 526 O  O     . HOH F 3 .  ? -1.702  3.785   -13.161 1.00 26.31 ? 110 HOH B O     1 
HETATM 527 O  O     . HOH F 3 .  ? 0.368   4.551   -8.517  1.00 31.21 ? 111 HOH B O     1 
HETATM 528 O  O     . HOH F 3 .  ? 4.286   6.745   0.586   1.00 32.93 ? 112 HOH B O     1 
HETATM 529 O  O     . HOH F 3 .  ? 4.222   6.256   4.700   1.00 24.15 ? 113 HOH B O     1 
HETATM 530 O  O     . HOH F 3 .  ? 3.026   10.653  5.239   1.00 20.03 ? 114 HOH B O     1 
HETATM 531 O  O     . HOH F 3 .  ? -0.468  -7.890  12.283  1.00 20.29 ? 115 HOH B O     1 
HETATM 532 O  O     . HOH F 3 .  ? 3.617   -6.495  10.494  1.00 32.14 ? 116 HOH B O     1 
HETATM 533 O  O     . HOH F 3 .  ? 3.250   -1.779  11.270  1.00 43.75 ? 117 HOH B O     1 
HETATM 534 O  O     . HOH F 3 .  ? -3.058  -11.259 4.275   1.00 38.48 ? 118 HOH B O     1 
HETATM 535 O  O     . HOH F 3 .  ? 0.165   -11.319 10.458  1.00 54.10 ? 119 HOH B O     1 
HETATM 536 O  O     . HOH F 3 .  ? 3.403   -16.131 -1.270  1.00 23.16 ? 120 HOH B O     1 
HETATM 537 O  O     . HOH F 3 .  ? 1.761   -11.430 -1.270  1.00 18.82 ? 121 HOH B O     1 
HETATM 538 O  O     . HOH F 3 .  ? 4.946   -15.017 4.021   1.00 26.59 ? 122 HOH B O     1 
HETATM 539 O  O     . HOH F 3 .  ? 8.148   -14.210 -3.522  1.00 21.78 ? 123 HOH B O     1 
HETATM 540 O  O     . HOH F 3 .  ? 2.502   -8.857  10.445  1.00 37.28 ? 126 HOH B O     1 
HETATM 541 O  O     . HOH F 3 .  ? 3.414   -14.068 6.864   1.00 35.93 ? 130 HOH B O     1 
HETATM 542 O  O     . HOH F 3 .  ? 3.415   0.469   9.462   1.00 23.46 ? 131 HOH B O     1 
HETATM 543 O  O     . HOH F 3 .  ? 6.125   4.120   4.925   1.00 34.91 ? 132 HOH B O     1 
HETATM 544 O  O     . HOH F 3 .  ? -10.405 1.941   -10.601 1.00 35.75 ? 133 HOH B O     1 
HETATM 545 O  O     . HOH F 3 .  ? 5.934   -2.127  11.441  1.00 34.59 ? 135 HOH B O     1 
HETATM 546 O  O     . HOH F 3 .  ? 2.520   7.221   -11.001 1.00 42.37 ? 138 HOH B O     1 
HETATM 547 O  O     . HOH F 3 .  ? 2.785   5.521   -8.172  1.00 29.82 ? 140 HOH B O     1 
HETATM 548 O  O     . HOH F 3 .  ? -3.980  2.809   9.276   1.00 30.91 ? 141 HOH B O     1 
HETATM 549 O  O     . HOH F 3 .  ? 10.515  -15.718 -3.837  1.00 52.27 ? 142 HOH B O     1 
HETATM 550 O  O     . HOH F 3 .  ? -1.152  1.901   -9.074  1.00 37.96 ? 143 HOH B O     1 
HETATM 551 O  O     . HOH F 3 .  ? 3.276   2.527   10.870  1.00 39.34 ? 145 HOH B O     1 
HETATM 552 O  O     . HOH F 3 .  ? 1.041   -15.230 5.415   1.00 38.78 ? 151 HOH B O     1 
HETATM 553 O  O     . HOH F 3 .  ? 8.258   -12.395 -4.770  1.00 53.48 ? 153 HOH B O     1 
HETATM 554 O  O     . HOH F 3 .  ? -0.251  -14.787 -0.163  1.00 40.03 ? 155 HOH B O     1 
HETATM 555 O  O     . HOH F 3 .  ? -2.458  -8.232  9.300   1.00 55.74 ? 160 HOH B O     1 
HETATM 556 O  O     . HOH F 3 .  ? -10.230 3.420   -15.509 1.00 39.21 ? 161 HOH B O     1 
HETATM 557 O  O     . HOH F 3 .  ? -1.226  -4.565  4.575   1.00 12.76 ? 165 HOH B O     1 
HETATM 558 O  O     . HOH F 3 .  ? -3.148  -2.479  5.091   1.00 10.26 ? 168 HOH B O     1 
HETATM 559 O  O     . HOH F 3 .  ? -0.022  0.213   -7.593  1.00 33.01 ? 172 HOH B O     1 
HETATM 560 O  O     . HOH F 3 .  ? -2.400  0.899   -6.200  1.00 25.82 ? 173 HOH B O     1 
# 
